data_2XW1
#
_entry.id   2XW1
#
_cell.length_a   55.179
_cell.length_b   55.386
_cell.length_c   119.906
_cell.angle_alpha   81.17
_cell.angle_beta   91.76
_cell.angle_gamma   64.74
#
_symmetry.space_group_name_H-M   'P 1'
#
loop_
_entity.id
_entity.type
_entity.pdbx_description
1 polymer 'SERUM ALBUMIN'
2 non-polymer DANSYL-L-NORVALINE
3 water water
#
_entity_poly.entity_id   1
_entity_poly.type   'polypeptide(L)'
_entity_poly.pdbx_seq_one_letter_code
;DAHKSEVAHRFKDLGEENFKALVLIAFAQYLQQCPFEDHVKLVNEVTEFAKTCVADESAENCDKSLHTLFGDKLCTVATL
RETYGEMADCCAKQEPERNECFLQHKDDNPNLPRLVRPEVDVMCTAFHDNEETFLKKYLYEIARRHPYFYAPELLFFAKR
YKAAFTECCQAADKAACLLPKLDELRDEGKASSAKQRLKCASLQKFGERAFKAWAVARLSQRFPKAEFAEVSKLVTDLTK
VHTECCHGDLLECADDRADLAKYICENQDSISSKLKECCEKPLLEKSHCIAEVENDEMPADLPSLAADFVESKDVCKNYA
EAKDVFLGMFLYEYARRHPDYSVVLLLRLAKTYETTLEKCCAAADPHECYAKVFDEFKPLVEEPQNLIKQNCELFEQLGE
YKFQNALLVRYTKKVPQVSTPTLVEVSRNLGKVGSKCCKHPEAKRMPCAEDYLSVVLNQLCVLHEKTPVSDRVTKCCTES
LVNRRPCFSALEVDETYVPKEFNAETFTFHADICTLSEKERQIKKQTALVELVKHKPKATKEQLKAVMDDFAAFVEKCCK
ADDKETCFAEEGKKLVAASQAALGL
;
_entity_poly.pdbx_strand_id   A,B
#
# COMPACT_ATOMS: atom_id res chain seq x y z
N SER A 5 19.30 -0.36 48.92
CA SER A 5 19.69 -1.25 47.79
C SER A 5 19.94 -0.44 46.53
N GLU A 6 21.12 -0.60 45.95
CA GLU A 6 21.47 0.13 44.74
C GLU A 6 20.88 -0.52 43.50
N VAL A 7 20.85 -1.85 43.48
CA VAL A 7 20.30 -2.58 42.35
C VAL A 7 18.81 -2.29 42.17
N ALA A 8 18.07 -2.30 43.27
CA ALA A 8 16.63 -2.05 43.23
C ALA A 8 16.41 -0.63 42.70
N HIS A 9 17.21 0.29 43.21
CA HIS A 9 17.16 1.70 42.82
C HIS A 9 17.16 1.85 41.30
N ARG A 10 18.25 1.41 40.68
CA ARG A 10 18.41 1.50 39.23
C ARG A 10 17.39 0.70 38.43
N PHE A 11 16.94 -0.41 38.99
CA PHE A 11 15.97 -1.26 38.32
C PHE A 11 14.68 -0.49 38.10
N LYS A 12 14.15 0.12 39.16
CA LYS A 12 12.93 0.90 39.05
C LYS A 12 13.08 1.97 37.96
N ASP A 13 14.17 2.73 38.06
CA ASP A 13 14.45 3.81 37.11
C ASP A 13 14.55 3.40 35.65
N LEU A 14 15.22 2.29 35.39
CA LEU A 14 15.41 1.84 34.00
C LEU A 14 14.38 0.84 33.51
N GLY A 15 13.76 0.13 34.44
CA GLY A 15 12.77 -0.86 34.06
C GLY A 15 13.49 -2.18 33.85
N GLU A 16 12.76 -3.23 33.49
CA GLU A 16 13.37 -4.53 33.27
C GLU A 16 14.07 -4.68 31.92
N GLU A 17 13.44 -4.16 30.87
CA GLU A 17 13.98 -4.28 29.52
C GLU A 17 15.37 -3.61 29.37
N ASN A 18 15.49 -2.35 29.79
CA ASN A 18 16.77 -1.63 29.67
C ASN A 18 17.82 -2.16 30.64
N PHE A 19 17.40 -2.44 31.88
CA PHE A 19 18.28 -2.97 32.94
C PHE A 19 18.97 -4.25 32.46
N LYS A 20 18.19 -5.14 31.85
CA LYS A 20 18.72 -6.40 31.35
C LYS A 20 19.66 -6.14 30.19
N ALA A 21 19.34 -5.14 29.37
CA ALA A 21 20.15 -4.80 28.22
C ALA A 21 21.48 -4.24 28.68
N LEU A 22 21.42 -3.25 29.56
CA LEU A 22 22.63 -2.62 30.07
C LEU A 22 23.59 -3.60 30.77
N VAL A 23 23.04 -4.53 31.57
CA VAL A 23 23.87 -5.53 32.28
C VAL A 23 24.53 -6.49 31.30
N LEU A 24 23.84 -6.80 30.21
CA LEU A 24 24.38 -7.70 29.20
C LEU A 24 25.57 -7.04 28.54
N ILE A 25 25.42 -5.76 28.20
CA ILE A 25 26.49 -4.99 27.56
C ILE A 25 27.69 -4.89 28.47
N ALA A 26 27.43 -4.69 29.75
CA ALA A 26 28.48 -4.58 30.77
C ALA A 26 29.26 -5.89 30.87
N PHE A 27 28.57 -7.00 30.90
CA PHE A 27 29.23 -8.29 30.97
C PHE A 27 29.97 -8.58 29.68
N ALA A 28 29.38 -8.23 28.56
CA ALA A 28 30.02 -8.47 27.27
C ALA A 28 31.26 -7.59 27.10
N GLN A 29 31.28 -6.45 27.79
CA GLN A 29 32.39 -5.52 27.71
C GLN A 29 33.55 -5.83 28.66
N TYR A 30 33.28 -6.58 29.72
CA TYR A 30 34.30 -6.98 30.68
C TYR A 30 34.93 -8.30 30.25
N LEU A 31 34.08 -9.28 29.97
CA LEU A 31 34.56 -10.59 29.53
C LEU A 31 34.16 -10.76 28.07
N GLN A 32 35.01 -10.25 27.17
CA GLN A 32 34.76 -10.30 25.74
C GLN A 32 34.96 -11.66 25.07
N GLN A 33 35.67 -12.57 25.73
CA GLN A 33 35.89 -13.88 25.12
C GLN A 33 34.80 -14.90 25.46
N CYS A 34 34.19 -14.78 26.63
CA CYS A 34 33.13 -15.69 27.04
C CYS A 34 31.97 -15.71 26.04
N PRO A 35 31.36 -16.89 25.86
CA PRO A 35 30.23 -17.09 24.94
C PRO A 35 28.91 -16.45 25.37
N PHE A 36 28.06 -16.24 24.37
CA PHE A 36 26.75 -15.62 24.57
C PHE A 36 25.91 -16.29 25.66
N GLU A 37 25.82 -17.62 25.62
CA GLU A 37 25.06 -18.37 26.60
C GLU A 37 25.38 -18.00 28.04
N ASP A 38 26.67 -18.04 28.38
CA ASP A 38 27.10 -17.72 29.74
C ASP A 38 26.69 -16.34 30.24
N HIS A 39 26.73 -15.33 29.39
CA HIS A 39 26.33 -13.99 29.78
C HIS A 39 24.82 -13.99 30.01
N VAL A 40 24.11 -14.58 29.07
CA VAL A 40 22.65 -14.67 29.15
C VAL A 40 22.24 -15.27 30.49
N LYS A 41 22.96 -16.31 30.91
CA LYS A 41 22.69 -16.97 32.17
C LYS A 41 22.89 -16.04 33.36
N LEU A 42 24.06 -15.41 33.40
CA LEU A 42 24.43 -14.52 34.48
C LEU A 42 23.49 -13.33 34.60
N VAL A 43 23.07 -12.81 33.44
CA VAL A 43 22.16 -11.67 33.42
C VAL A 43 20.86 -12.05 34.11
N ASN A 44 20.29 -13.18 33.69
CA ASN A 44 19.04 -13.66 34.27
C ASN A 44 19.20 -13.85 35.76
N GLU A 45 20.22 -14.62 36.15
CA GLU A 45 20.47 -14.84 37.56
C GLU A 45 20.50 -13.51 38.31
N VAL A 46 21.22 -12.55 37.74
CA VAL A 46 21.34 -11.23 38.34
C VAL A 46 20.00 -10.48 38.32
N THR A 47 19.30 -10.56 37.19
CA THR A 47 18.03 -9.88 37.04
C THR A 47 16.97 -10.34 38.04
N GLU A 48 16.91 -11.65 38.28
CA GLU A 48 15.95 -12.19 39.22
C GLU A 48 16.26 -11.71 40.62
N PHE A 49 17.54 -11.75 40.98
CA PHE A 49 17.99 -11.31 42.31
C PHE A 49 17.53 -9.88 42.53
N ALA A 50 17.64 -9.07 41.49
CA ALA A 50 17.23 -7.68 41.55
C ALA A 50 15.75 -7.59 41.90
N LYS A 51 14.95 -8.47 41.31
CA LYS A 51 13.51 -8.50 41.55
C LYS A 51 13.18 -8.75 43.02
N THR A 52 13.96 -9.62 43.66
CA THR A 52 13.73 -9.94 45.07
C THR A 52 14.08 -8.74 45.96
N CYS A 53 14.98 -7.89 45.47
CA CYS A 53 15.41 -6.70 46.21
C CYS A 53 14.39 -5.56 46.17
N VAL A 54 13.69 -5.41 45.06
CA VAL A 54 12.68 -4.35 44.95
C VAL A 54 11.69 -4.53 46.11
N ALA A 55 11.28 -5.78 46.31
CA ALA A 55 10.35 -6.13 47.38
C ALA A 55 11.03 -5.99 48.74
N ASP A 56 11.90 -6.93 49.07
CA ASP A 56 12.63 -6.90 50.34
C ASP A 56 13.97 -6.19 50.19
N GLU A 57 13.95 -4.86 50.30
CA GLU A 57 15.15 -4.05 50.15
C GLU A 57 16.19 -4.30 51.26
N SER A 58 16.35 -5.56 51.64
CA SER A 58 17.31 -5.97 52.67
C SER A 58 17.37 -7.50 52.72
N ALA A 59 17.00 -8.14 51.62
CA ALA A 59 17.00 -9.59 51.52
C ALA A 59 18.41 -10.18 51.62
N GLU A 60 18.91 -10.73 50.52
CA GLU A 60 20.23 -11.34 50.50
C GLU A 60 21.37 -10.34 50.69
N ASN A 61 21.82 -9.72 49.62
CA ASN A 61 22.91 -8.75 49.69
C ASN A 61 22.52 -7.50 48.94
N CYS A 62 21.24 -7.16 49.00
CA CYS A 62 20.73 -5.98 48.30
C CYS A 62 21.41 -4.68 48.77
N ASP A 63 22.15 -4.77 49.88
CA ASP A 63 22.84 -3.62 50.44
C ASP A 63 24.13 -3.29 49.67
N LYS A 64 24.75 -4.33 49.12
CA LYS A 64 26.00 -4.21 48.36
C LYS A 64 25.94 -3.28 47.16
N SER A 65 27.13 -2.83 46.74
CA SER A 65 27.27 -1.95 45.59
C SER A 65 27.18 -2.76 44.32
N LEU A 66 26.92 -2.08 43.21
CA LEU A 66 26.81 -2.74 41.92
C LEU A 66 28.09 -3.54 41.62
N HIS A 67 29.24 -2.87 41.62
CA HIS A 67 30.51 -3.55 41.34
C HIS A 67 30.68 -4.89 42.07
N THR A 68 30.44 -4.91 43.37
CA THR A 68 30.58 -6.14 44.15
C THR A 68 29.78 -7.28 43.52
N LEU A 69 28.48 -7.04 43.33
CA LEU A 69 27.59 -8.04 42.75
C LEU A 69 28.01 -8.43 41.34
N PHE A 70 28.23 -7.44 40.48
CA PHE A 70 28.63 -7.72 39.11
C PHE A 70 29.94 -8.47 39.09
N GLY A 71 30.85 -8.09 39.97
CA GLY A 71 32.15 -8.74 40.04
C GLY A 71 32.07 -10.20 40.44
N ASP A 72 31.28 -10.47 41.46
CA ASP A 72 31.12 -11.84 41.96
C ASP A 72 30.45 -12.75 40.93
N LYS A 73 29.54 -12.19 40.13
CA LYS A 73 28.84 -12.98 39.11
C LYS A 73 29.72 -13.37 37.93
N LEU A 74 30.69 -12.52 37.60
CA LEU A 74 31.59 -12.80 36.49
C LEU A 74 32.70 -13.73 36.97
N CYS A 75 33.04 -13.61 38.24
CA CYS A 75 34.09 -14.43 38.84
C CYS A 75 33.67 -15.87 39.04
N THR A 76 32.53 -16.25 38.48
CA THR A 76 32.05 -17.61 38.61
C THR A 76 32.23 -18.30 37.26
N VAL A 77 32.89 -17.61 36.33
CA VAL A 77 33.12 -18.15 34.99
C VAL A 77 34.45 -17.73 34.35
N ALA A 78 35.35 -17.14 35.14
CA ALA A 78 36.64 -16.70 34.63
C ALA A 78 37.76 -17.67 34.98
N ALA A 88 41.79 -14.76 36.19
CA ALA A 88 41.67 -15.31 37.54
C ALA A 88 42.24 -14.34 38.57
N ASP A 89 43.45 -13.83 38.30
CA ASP A 89 44.10 -12.89 39.20
C ASP A 89 43.20 -11.69 39.51
N CYS A 90 42.41 -11.26 38.54
CA CYS A 90 41.50 -10.15 38.74
C CYS A 90 40.51 -10.47 39.86
N CYS A 91 39.97 -11.69 39.81
CA CYS A 91 39.00 -12.15 40.80
C CYS A 91 39.61 -12.42 42.17
N ALA A 92 40.94 -12.51 42.22
CA ALA A 92 41.63 -12.74 43.48
C ALA A 92 41.57 -11.45 44.31
N LYS A 93 41.56 -10.31 43.63
CA LYS A 93 41.50 -9.00 44.29
C LYS A 93 40.12 -8.71 44.86
N GLN A 94 39.95 -7.52 45.42
CA GLN A 94 38.68 -7.12 46.03
C GLN A 94 38.12 -5.80 45.50
N GLU A 95 36.94 -5.46 46.00
CA GLU A 95 36.19 -4.26 45.65
C GLU A 95 36.79 -3.25 44.64
N PRO A 96 37.65 -2.31 45.10
CA PRO A 96 38.19 -1.37 44.11
C PRO A 96 39.18 -2.00 43.12
N GLU A 97 40.28 -2.53 43.66
CA GLU A 97 41.32 -3.15 42.85
C GLU A 97 40.76 -4.19 41.88
N ARG A 98 39.76 -4.95 42.32
CA ARG A 98 39.15 -5.97 41.49
C ARG A 98 38.52 -5.34 40.25
N ASN A 99 37.74 -4.28 40.46
CA ASN A 99 37.08 -3.59 39.35
C ASN A 99 38.05 -2.92 38.39
N GLU A 100 39.03 -2.20 38.93
CA GLU A 100 40.02 -1.56 38.07
C GLU A 100 40.68 -2.62 37.22
N CYS A 101 40.88 -3.79 37.83
CA CYS A 101 41.50 -4.91 37.15
C CYS A 101 40.82 -5.16 35.80
N PHE A 102 39.52 -5.39 35.83
CA PHE A 102 38.78 -5.64 34.60
C PHE A 102 38.90 -4.49 33.61
N LEU A 103 38.78 -3.26 34.12
CA LEU A 103 38.85 -2.07 33.26
C LEU A 103 40.15 -2.00 32.48
N GLN A 104 41.25 -2.42 33.12
CA GLN A 104 42.55 -2.41 32.47
C GLN A 104 42.70 -3.57 31.49
N HIS A 105 41.80 -4.55 31.58
CA HIS A 105 41.88 -5.70 30.69
C HIS A 105 40.94 -5.70 29.50
N LYS A 106 40.21 -4.61 29.31
CA LYS A 106 39.33 -4.49 28.16
C LYS A 106 40.26 -4.47 26.95
N ASP A 107 39.87 -5.16 25.88
CA ASP A 107 40.72 -5.21 24.71
C ASP A 107 40.11 -4.41 23.56
N ASP A 108 40.81 -3.36 23.13
CA ASP A 108 40.37 -2.51 22.03
C ASP A 108 40.47 -3.22 20.68
N ASN A 109 41.30 -4.27 20.63
CA ASN A 109 41.47 -5.04 19.41
C ASN A 109 41.37 -6.52 19.76
N PRO A 110 40.21 -6.97 20.24
CA PRO A 110 40.05 -8.38 20.60
C PRO A 110 40.18 -9.32 19.41
N ASN A 111 40.91 -10.41 19.63
CA ASN A 111 41.13 -11.38 18.57
C ASN A 111 39.85 -12.18 18.31
N LEU A 112 38.80 -11.51 17.85
CA LEU A 112 37.55 -12.20 17.57
C LEU A 112 37.39 -12.43 16.08
N PRO A 113 36.71 -13.53 15.70
CA PRO A 113 36.47 -13.89 14.30
C PRO A 113 35.65 -12.82 13.62
N ARG A 114 36.06 -12.39 12.42
CA ARG A 114 35.30 -11.36 11.70
C ARG A 114 33.85 -11.81 11.71
N LEU A 115 32.92 -10.86 11.68
CA LEU A 115 31.51 -11.19 11.73
C LEU A 115 30.86 -11.17 10.36
N VAL A 116 30.42 -12.34 9.91
CA VAL A 116 29.76 -12.49 8.61
C VAL A 116 28.27 -12.67 8.82
N ARG A 117 27.48 -12.09 7.94
CA ARG A 117 26.02 -12.18 8.08
C ARG A 117 25.37 -13.16 7.09
N PRO A 118 24.65 -14.17 7.62
CA PRO A 118 23.96 -15.18 6.80
C PRO A 118 23.03 -14.51 5.80
N GLU A 119 22.44 -15.30 4.90
CA GLU A 119 21.55 -14.75 3.91
C GLU A 119 20.32 -14.13 4.56
N VAL A 120 19.75 -13.13 3.90
CA VAL A 120 18.58 -12.42 4.39
C VAL A 120 17.50 -13.37 4.92
N ASP A 121 17.25 -14.45 4.19
CA ASP A 121 16.25 -15.43 4.59
C ASP A 121 16.43 -15.96 6.00
N VAL A 122 17.64 -16.39 6.32
CA VAL A 122 17.93 -16.94 7.64
C VAL A 122 17.70 -15.91 8.77
N MET A 123 18.21 -14.70 8.55
CA MET A 123 18.10 -13.64 9.54
C MET A 123 16.66 -13.40 9.92
N CYS A 124 15.82 -13.15 8.93
CA CYS A 124 14.40 -12.91 9.15
C CYS A 124 13.72 -14.04 9.92
N THR A 125 14.12 -15.27 9.63
CA THR A 125 13.56 -16.44 10.31
C THR A 125 13.96 -16.39 11.78
N ALA A 126 15.26 -16.19 12.00
CA ALA A 126 15.82 -16.11 13.35
C ALA A 126 15.19 -14.94 14.11
N PHE A 127 14.96 -13.85 13.42
CA PHE A 127 14.35 -12.66 14.03
C PHE A 127 12.86 -12.91 14.37
N HIS A 128 12.10 -13.42 13.39
CA HIS A 128 10.70 -13.70 13.60
C HIS A 128 10.46 -14.76 14.68
N ASP A 129 11.22 -15.85 14.61
CA ASP A 129 11.07 -16.93 15.58
C ASP A 129 11.26 -16.40 17.00
N ASN A 130 12.49 -16.04 17.32
CA ASN A 130 12.79 -15.49 18.64
C ASN A 130 13.35 -14.07 18.48
N GLU A 131 12.53 -13.07 18.80
CA GLU A 131 12.92 -11.68 18.67
C GLU A 131 13.89 -11.21 19.76
N GLU A 132 13.54 -11.46 21.02
CA GLU A 132 14.36 -11.07 22.16
C GLU A 132 15.78 -11.64 22.07
N THR A 133 15.92 -12.87 21.58
CA THR A 133 17.24 -13.49 21.47
C THR A 133 18.02 -12.82 20.34
N PHE A 134 17.40 -12.69 19.18
CA PHE A 134 18.01 -12.09 18.01
C PHE A 134 18.61 -10.70 18.27
N LEU A 135 18.06 -9.96 19.23
CA LEU A 135 18.57 -8.63 19.53
C LEU A 135 19.65 -8.66 20.62
N LYS A 136 19.50 -9.57 21.59
CA LYS A 136 20.48 -9.69 22.66
C LYS A 136 21.83 -10.12 22.09
N LYS A 137 21.79 -10.81 20.94
CA LYS A 137 23.01 -11.27 20.29
C LYS A 137 23.68 -10.12 19.56
N TYR A 138 22.84 -9.25 18.99
CA TYR A 138 23.36 -8.11 18.28
C TYR A 138 24.12 -7.28 19.30
N LEU A 139 23.44 -6.94 20.40
CA LEU A 139 24.08 -6.19 21.47
C LEU A 139 25.39 -6.85 21.87
N TYR A 140 25.30 -8.13 22.22
CA TYR A 140 26.43 -8.96 22.62
C TYR A 140 27.62 -8.88 21.67
N GLU A 141 27.38 -9.04 20.38
CA GLU A 141 28.44 -9.01 19.39
C GLU A 141 29.06 -7.64 19.18
N ILE A 142 28.32 -6.59 19.54
CA ILE A 142 28.85 -5.24 19.38
C ILE A 142 29.63 -4.85 20.63
N ALA A 143 29.03 -5.10 21.79
CA ALA A 143 29.65 -4.74 23.05
C ALA A 143 30.98 -5.44 23.33
N ARG A 144 31.12 -6.67 22.85
CA ARG A 144 32.36 -7.42 23.06
C ARG A 144 33.47 -6.96 22.11
N ARG A 145 33.09 -6.41 20.96
CA ARG A 145 34.05 -5.93 19.99
C ARG A 145 34.41 -4.45 20.23
N HIS A 146 33.47 -3.70 20.80
CA HIS A 146 33.70 -2.30 21.11
C HIS A 146 33.48 -2.08 22.59
N PRO A 147 34.42 -2.56 23.42
CA PRO A 147 34.37 -2.45 24.89
C PRO A 147 34.11 -1.06 25.47
N TYR A 148 34.20 -0.03 24.64
CA TYR A 148 33.96 1.33 25.12
C TYR A 148 32.74 1.99 24.48
N PHE A 149 31.99 1.24 23.70
CA PHE A 149 30.81 1.79 23.06
C PHE A 149 29.92 2.46 24.11
N TYR A 150 29.50 3.70 23.81
CA TYR A 150 28.64 4.47 24.69
C TYR A 150 27.30 3.72 24.87
N ALA A 151 27.23 2.96 25.97
CA ALA A 151 26.09 2.14 26.32
C ALA A 151 24.70 2.68 25.98
N PRO A 152 24.33 3.84 26.55
CA PRO A 152 23.00 4.40 26.26
C PRO A 152 22.69 4.51 24.77
N GLU A 153 23.71 4.85 23.99
CA GLU A 153 23.56 5.01 22.56
C GLU A 153 23.48 3.66 21.84
N LEU A 154 23.98 2.62 22.50
CA LEU A 154 23.94 1.29 21.92
C LEU A 154 22.50 0.74 21.97
N LEU A 155 21.73 1.20 22.95
CA LEU A 155 20.33 0.76 23.07
C LEU A 155 19.57 1.46 21.96
N PHE A 156 20.06 2.62 21.54
CA PHE A 156 19.45 3.37 20.45
C PHE A 156 19.67 2.67 19.13
N PHE A 157 20.87 2.16 18.90
CA PHE A 157 21.13 1.45 17.65
C PHE A 157 20.32 0.17 17.64
N ALA A 158 20.18 -0.45 18.81
CA ALA A 158 19.42 -1.69 18.94
C ALA A 158 17.99 -1.52 18.41
N LYS A 159 17.27 -0.53 18.94
CA LYS A 159 15.91 -0.28 18.50
C LYS A 159 15.87 -0.01 17.00
N ARG A 160 16.85 0.76 16.54
CA ARG A 160 16.94 1.12 15.14
C ARG A 160 17.20 -0.14 14.32
N TYR A 161 17.93 -1.08 14.93
CA TYR A 161 18.24 -2.33 14.27
C TYR A 161 16.97 -3.19 14.21
N LYS A 162 16.21 -3.16 15.30
CA LYS A 162 14.97 -3.92 15.35
C LYS A 162 14.04 -3.40 14.25
N ALA A 163 13.92 -2.07 14.17
CA ALA A 163 13.06 -1.43 13.17
C ALA A 163 13.40 -1.85 11.75
N ALA A 164 14.68 -2.11 11.52
CA ALA A 164 15.13 -2.51 10.20
C ALA A 164 14.48 -3.84 9.79
N PHE A 165 14.69 -4.87 10.60
CA PHE A 165 14.16 -6.21 10.33
C PHE A 165 12.65 -6.25 10.35
N THR A 166 12.06 -5.61 11.35
CA THR A 166 10.62 -5.59 11.49
C THR A 166 9.97 -5.06 10.22
N GLU A 167 10.66 -4.15 9.53
CA GLU A 167 10.13 -3.56 8.32
C GLU A 167 10.52 -4.31 7.05
N CYS A 168 11.80 -4.60 6.91
CA CYS A 168 12.32 -5.27 5.73
C CYS A 168 12.01 -6.75 5.53
N CYS A 169 11.74 -7.48 6.61
CA CYS A 169 11.43 -8.90 6.48
C CYS A 169 10.02 -9.18 5.95
N GLN A 170 9.23 -8.12 5.82
CA GLN A 170 7.86 -8.26 5.32
C GLN A 170 7.67 -7.35 4.10
N ALA A 171 8.59 -7.43 3.15
CA ALA A 171 8.52 -6.62 1.93
C ALA A 171 8.74 -7.49 0.69
N ALA A 172 8.75 -6.86 -0.47
CA ALA A 172 8.94 -7.56 -1.74
C ALA A 172 10.33 -8.18 -1.83
N ASP A 173 11.35 -7.35 -1.73
CA ASP A 173 12.73 -7.81 -1.79
C ASP A 173 13.46 -7.33 -0.55
N LYS A 174 13.56 -8.22 0.43
CA LYS A 174 14.22 -7.90 1.68
C LYS A 174 15.70 -7.56 1.43
N ALA A 175 16.42 -8.44 0.74
CA ALA A 175 17.83 -8.20 0.44
C ALA A 175 18.05 -6.74 0.07
N ALA A 176 17.16 -6.20 -0.74
CA ALA A 176 17.26 -4.81 -1.19
C ALA A 176 16.91 -3.80 -0.09
N CYS A 177 15.97 -4.19 0.76
CA CYS A 177 15.50 -3.32 1.85
C CYS A 177 16.40 -3.35 3.08
N LEU A 178 16.88 -4.54 3.45
CA LEU A 178 17.73 -4.69 4.62
C LEU A 178 19.21 -4.38 4.44
N LEU A 179 19.90 -5.15 3.59
CA LEU A 179 21.33 -4.96 3.37
C LEU A 179 21.83 -3.51 3.46
N PRO A 180 21.19 -2.56 2.74
CA PRO A 180 21.59 -1.15 2.77
C PRO A 180 21.51 -0.56 4.19
N LYS A 181 20.32 -0.60 4.76
CA LYS A 181 20.06 -0.09 6.11
C LYS A 181 21.01 -0.67 7.15
N LEU A 182 21.45 -1.91 6.94
CA LEU A 182 22.37 -2.55 7.86
C LEU A 182 23.77 -1.97 7.65
N ASP A 183 24.11 -1.66 6.40
CA ASP A 183 25.41 -1.08 6.09
C ASP A 183 25.50 0.31 6.74
N GLU A 184 24.42 1.07 6.62
CA GLU A 184 24.35 2.40 7.19
C GLU A 184 24.50 2.31 8.70
N LEU A 185 24.02 1.21 9.29
CA LEU A 185 24.13 1.02 10.72
C LEU A 185 25.54 0.60 11.10
N ARG A 186 26.13 -0.27 10.29
CA ARG A 186 27.49 -0.75 10.54
C ARG A 186 28.48 0.44 10.62
N ASP A 187 28.47 1.30 9.60
CA ASP A 187 29.37 2.45 9.58
C ASP A 187 29.11 3.40 10.73
N GLU A 188 27.90 3.94 10.81
CA GLU A 188 27.55 4.87 11.86
C GLU A 188 27.85 4.33 13.25
N GLY A 189 27.83 3.00 13.39
CA GLY A 189 28.13 2.39 14.69
C GLY A 189 29.63 2.46 14.95
N LYS A 190 30.42 2.36 13.91
CA LYS A 190 31.87 2.45 14.06
C LYS A 190 32.22 3.92 14.34
N ALA A 191 31.58 4.84 13.63
CA ALA A 191 31.82 6.25 13.88
C ALA A 191 31.54 6.54 15.36
N SER A 192 30.35 6.19 15.82
CA SER A 192 29.95 6.39 17.21
C SER A 192 30.99 5.81 18.18
N SER A 193 31.36 4.56 17.96
CA SER A 193 32.34 3.89 18.79
C SER A 193 33.63 4.72 18.80
N ALA A 194 34.05 5.24 17.65
CA ALA A 194 35.28 6.03 17.59
C ALA A 194 35.20 7.29 18.46
N LYS A 195 34.20 8.13 18.21
CA LYS A 195 34.00 9.34 19.01
C LYS A 195 34.01 9.06 20.50
N GLN A 196 33.32 8.01 20.93
CA GLN A 196 33.30 7.69 22.36
C GLN A 196 34.66 7.27 22.86
N ARG A 197 35.40 6.51 22.06
CA ARG A 197 36.73 6.07 22.49
C ARG A 197 37.63 7.28 22.80
N LEU A 198 37.47 8.36 22.04
CA LEU A 198 38.27 9.56 22.27
C LEU A 198 37.86 10.19 23.61
N LYS A 199 36.57 10.23 23.87
CA LYS A 199 36.06 10.78 25.12
C LYS A 199 36.58 10.04 26.35
N CYS A 200 36.70 8.72 26.26
CA CYS A 200 37.19 7.95 27.38
C CYS A 200 38.68 8.13 27.54
N ALA A 201 39.38 8.25 26.40
CA ALA A 201 40.82 8.41 26.40
C ALA A 201 41.15 9.70 27.11
N SER A 202 40.44 10.75 26.71
CA SER A 202 40.64 12.05 27.31
C SER A 202 40.46 11.93 28.81
N LEU A 203 39.29 11.47 29.24
CA LEU A 203 39.04 11.34 30.67
C LEU A 203 40.13 10.50 31.34
N GLN A 204 40.35 9.30 30.83
CA GLN A 204 41.35 8.42 31.41
C GLN A 204 42.84 8.80 31.30
N LYS A 205 43.28 9.28 30.13
CA LYS A 205 44.69 9.62 29.97
C LYS A 205 45.06 11.08 30.28
N PHE A 206 44.12 12.00 30.12
CA PHE A 206 44.37 13.42 30.37
C PHE A 206 43.66 14.08 31.56
N GLY A 207 42.67 13.38 32.16
CA GLY A 207 42.00 13.94 33.30
C GLY A 207 40.76 14.75 32.98
N GLU A 208 39.83 14.83 33.92
CA GLU A 208 38.59 15.53 33.67
C GLU A 208 38.75 17.00 33.29
N ARG A 209 39.85 17.62 33.68
CA ARG A 209 40.04 19.01 33.34
C ARG A 209 40.12 19.17 31.80
N ALA A 210 40.80 18.24 31.14
CA ALA A 210 40.95 18.28 29.69
C ALA A 210 39.59 18.07 29.06
N PHE A 211 38.84 17.09 29.57
CA PHE A 211 37.53 16.79 29.03
C PHE A 211 36.57 17.97 29.13
N LYS A 212 36.59 18.63 30.29
CA LYS A 212 35.71 19.76 30.54
C LYS A 212 35.94 20.87 29.55
N ALA A 213 37.19 21.23 29.33
CA ALA A 213 37.54 22.28 28.36
C ALA A 213 36.97 21.97 26.97
N TRP A 214 37.15 20.73 26.53
CA TRP A 214 36.65 20.32 25.24
C TRP A 214 35.13 20.53 25.22
N ALA A 215 34.48 20.19 26.33
CA ALA A 215 33.04 20.33 26.44
C ALA A 215 32.62 21.77 26.44
N VAL A 216 33.39 22.62 27.13
CA VAL A 216 33.06 24.03 27.18
C VAL A 216 33.04 24.62 25.76
N ALA A 217 34.17 24.46 25.07
CA ALA A 217 34.34 24.96 23.71
C ALA A 217 33.33 24.39 22.72
N ARG A 218 33.15 23.08 22.77
CA ARG A 218 32.22 22.41 21.88
C ARG A 218 30.79 22.82 22.16
N LEU A 219 30.42 22.87 23.44
CA LEU A 219 29.05 23.26 23.80
C LEU A 219 28.79 24.74 23.57
N SER A 220 29.82 25.56 23.75
CA SER A 220 29.70 26.99 23.54
C SER A 220 29.56 27.26 22.04
N GLN A 221 30.12 26.39 21.21
CA GLN A 221 29.94 26.57 19.77
C GLN A 221 28.49 26.24 19.40
N ARG A 222 27.98 25.16 20.00
CA ARG A 222 26.64 24.67 19.73
C ARG A 222 25.51 25.53 20.33
N PHE A 223 25.70 25.98 21.57
CA PHE A 223 24.72 26.81 22.27
C PHE A 223 25.25 28.23 22.50
N PRO A 224 25.42 29.02 21.42
CA PRO A 224 25.92 30.40 21.46
C PRO A 224 25.15 31.36 22.35
N LYS A 225 23.85 31.19 22.41
CA LYS A 225 23.03 32.08 23.22
C LYS A 225 23.03 31.71 24.68
N ALA A 226 23.47 30.49 25.02
CA ALA A 226 23.49 30.05 26.42
C ALA A 226 24.46 30.87 27.23
N GLU A 227 24.19 31.00 28.52
CA GLU A 227 25.07 31.76 29.40
C GLU A 227 26.18 30.86 29.94
N PHE A 228 27.33 31.48 30.17
CA PHE A 228 28.48 30.76 30.67
C PHE A 228 28.13 29.84 31.84
N ALA A 229 27.30 30.34 32.76
CA ALA A 229 26.92 29.56 33.93
C ALA A 229 26.03 28.40 33.57
N GLU A 230 25.33 28.52 32.45
CA GLU A 230 24.44 27.47 31.98
C GLU A 230 25.30 26.38 31.36
N VAL A 231 26.20 26.78 30.45
CA VAL A 231 27.12 25.87 29.82
C VAL A 231 27.89 25.14 30.92
N SER A 232 28.45 25.91 31.85
CA SER A 232 29.19 25.30 32.94
C SER A 232 28.41 24.18 33.61
N LYS A 233 27.10 24.39 33.79
CA LYS A 233 26.25 23.40 34.44
C LYS A 233 26.13 22.18 33.54
N LEU A 234 25.89 22.43 32.26
CA LEU A 234 25.78 21.33 31.31
C LEU A 234 27.09 20.51 31.31
N VAL A 235 28.20 21.20 31.13
CA VAL A 235 29.50 20.54 31.12
C VAL A 235 29.72 19.66 32.35
N THR A 236 29.37 20.18 33.52
CA THR A 236 29.54 19.41 34.75
C THR A 236 28.77 18.08 34.73
N ASP A 237 27.54 18.12 34.24
CA ASP A 237 26.72 16.91 34.20
C ASP A 237 27.24 15.95 33.16
N LEU A 238 27.34 16.45 31.94
CA LEU A 238 27.84 15.68 30.81
C LEU A 238 29.13 15.00 31.25
N THR A 239 29.98 15.71 31.98
CA THR A 239 31.23 15.11 32.42
C THR A 239 30.98 13.85 33.26
N LYS A 240 30.08 13.95 34.24
CA LYS A 240 29.76 12.80 35.08
C LYS A 240 29.17 11.66 34.29
N VAL A 241 28.36 11.99 33.30
CA VAL A 241 27.76 10.95 32.49
C VAL A 241 28.90 10.11 31.94
N HIS A 242 29.67 10.73 31.05
CA HIS A 242 30.79 10.05 30.44
C HIS A 242 31.76 9.46 31.43
N THR A 243 31.99 10.14 32.56
CA THR A 243 32.91 9.58 33.53
C THR A 243 32.40 8.22 34.01
N GLU A 244 31.08 8.08 34.09
CA GLU A 244 30.46 6.83 34.53
C GLU A 244 30.47 5.78 33.42
N CYS A 245 29.99 6.14 32.25
CA CYS A 245 30.00 5.18 31.16
C CYS A 245 31.41 4.61 30.92
N CYS A 246 32.40 5.48 30.73
CA CYS A 246 33.74 5.02 30.48
C CYS A 246 34.30 4.14 31.58
N HIS A 247 33.87 4.35 32.82
CA HIS A 247 34.37 3.55 33.94
C HIS A 247 33.55 2.26 34.17
N GLY A 248 32.57 2.00 33.31
CA GLY A 248 31.76 0.81 33.46
C GLY A 248 30.53 0.89 34.37
N ASP A 249 30.23 2.07 34.90
CA ASP A 249 29.06 2.26 35.74
C ASP A 249 27.95 2.54 34.76
N LEU A 250 27.64 1.54 33.94
CA LEU A 250 26.64 1.66 32.88
C LEU A 250 25.23 2.06 33.29
N LEU A 251 24.73 1.47 34.37
CA LEU A 251 23.38 1.75 34.84
C LEU A 251 23.20 3.21 35.21
N GLU A 252 24.07 3.71 36.08
CA GLU A 252 24.00 5.09 36.50
C GLU A 252 24.27 6.07 35.36
N CYS A 253 25.06 5.63 34.39
CA CYS A 253 25.39 6.46 33.23
C CYS A 253 24.14 6.68 32.41
N ALA A 254 23.40 5.60 32.22
CA ALA A 254 22.17 5.65 31.44
C ALA A 254 21.17 6.50 32.19
N ASP A 255 21.15 6.33 33.50
CA ASP A 255 20.25 7.09 34.35
C ASP A 255 20.52 8.57 34.18
N ASP A 256 21.70 8.97 34.62
CA ASP A 256 22.15 10.35 34.55
C ASP A 256 22.03 10.96 33.16
N ARG A 257 22.15 10.14 32.12
CA ARG A 257 22.05 10.68 30.77
C ARG A 257 20.62 11.06 30.45
N ALA A 258 19.68 10.36 31.08
CA ALA A 258 18.25 10.61 30.87
C ALA A 258 17.89 11.93 31.56
N ASP A 259 18.36 12.06 32.79
CA ASP A 259 18.12 13.26 33.57
C ASP A 259 18.55 14.48 32.76
N LEU A 260 19.79 14.43 32.27
CA LEU A 260 20.35 15.53 31.46
C LEU A 260 19.48 15.87 30.27
N ALA A 261 18.87 14.85 29.68
CA ALA A 261 17.99 15.09 28.54
C ALA A 261 16.72 15.80 29.00
N LYS A 262 16.17 15.38 30.14
CA LYS A 262 14.99 16.05 30.65
C LYS A 262 15.35 17.51 30.85
N TYR A 263 16.38 17.76 31.67
CA TYR A 263 16.82 19.11 31.96
C TYR A 263 16.96 19.99 30.73
N ILE A 264 17.74 19.55 29.76
CA ILE A 264 17.95 20.33 28.56
C ILE A 264 16.64 20.67 27.86
N CYS A 265 15.71 19.73 27.89
CA CYS A 265 14.41 19.94 27.27
C CYS A 265 13.53 20.94 28.02
N GLU A 266 13.56 20.84 29.34
CA GLU A 266 12.78 21.73 30.17
C GLU A 266 13.28 23.16 29.97
N ASN A 267 14.61 23.32 29.97
CA ASN A 267 15.21 24.64 29.83
C ASN A 267 15.59 25.05 28.41
N GLN A 268 14.96 24.43 27.41
CA GLN A 268 15.23 24.75 26.01
C GLN A 268 15.57 26.22 25.77
N ASP A 269 14.56 27.07 25.95
CA ASP A 269 14.67 28.50 25.73
C ASP A 269 15.99 29.13 26.19
N SER A 270 16.53 28.65 27.30
CA SER A 270 17.76 29.20 27.84
C SER A 270 19.03 28.64 27.19
N ILE A 271 18.88 27.53 26.47
CA ILE A 271 20.00 26.85 25.83
C ILE A 271 20.10 26.98 24.31
N SER A 272 19.07 26.56 23.60
CA SER A 272 19.10 26.65 22.14
C SER A 272 17.72 26.54 21.52
N SER A 273 17.58 27.12 20.33
CA SER A 273 16.31 27.10 19.62
C SER A 273 16.17 25.96 18.61
N LYS A 274 17.15 25.07 18.58
CA LYS A 274 17.11 23.94 17.64
C LYS A 274 16.83 22.64 18.38
N LEU A 275 16.46 22.76 19.65
CA LEU A 275 16.17 21.58 20.47
C LEU A 275 14.70 21.18 20.43
N LYS A 276 13.88 21.92 19.68
CA LYS A 276 12.45 21.64 19.60
C LYS A 276 12.20 20.22 19.06
N GLU A 277 12.56 19.99 17.80
CA GLU A 277 12.39 18.70 17.15
C GLU A 277 12.81 17.54 18.05
N CYS A 278 13.89 17.77 18.80
CA CYS A 278 14.44 16.78 19.73
C CYS A 278 13.57 16.38 20.90
N CYS A 279 13.13 17.36 21.66
CA CYS A 279 12.33 17.12 22.85
C CYS A 279 10.92 16.60 22.61
N GLU A 280 10.53 16.51 21.33
CA GLU A 280 9.19 16.02 20.99
C GLU A 280 9.25 14.59 20.46
N LYS A 281 9.92 13.71 21.20
CA LYS A 281 10.04 12.30 20.81
C LYS A 281 10.52 11.40 21.94
N PRO A 282 10.47 10.08 21.74
CA PRO A 282 10.90 9.09 22.74
C PRO A 282 12.29 9.33 23.34
N LEU A 283 12.47 8.90 24.59
CA LEU A 283 13.70 9.05 25.33
C LEU A 283 14.97 8.78 24.53
N LEU A 284 15.15 7.54 24.10
CA LEU A 284 16.33 7.17 23.35
C LEU A 284 16.57 8.07 22.15
N GLU A 285 15.50 8.45 21.45
CA GLU A 285 15.64 9.31 20.28
C GLU A 285 15.94 10.74 20.68
N LYS A 286 15.40 11.14 21.82
CA LYS A 286 15.60 12.48 22.33
C LYS A 286 17.07 12.70 22.68
N SER A 287 17.63 11.79 23.47
CA SER A 287 19.03 11.89 23.86
C SER A 287 19.87 12.00 22.60
N HIS A 288 19.76 10.99 21.74
CA HIS A 288 20.51 10.94 20.49
C HIS A 288 20.38 12.24 19.68
N CYS A 289 19.16 12.77 19.62
CA CYS A 289 18.86 13.99 18.88
C CYS A 289 19.65 15.19 19.39
N ILE A 290 19.56 15.41 20.70
CA ILE A 290 20.23 16.51 21.37
C ILE A 290 21.75 16.48 21.16
N ALA A 291 22.33 15.31 21.36
CA ALA A 291 23.77 15.14 21.22
C ALA A 291 24.31 15.42 19.82
N GLU A 292 23.42 15.51 18.83
CA GLU A 292 23.86 15.74 17.45
C GLU A 292 23.25 16.98 16.83
N VAL A 293 22.57 17.80 17.63
CA VAL A 293 21.93 19.00 17.13
C VAL A 293 22.93 19.98 16.54
N GLU A 294 22.52 20.69 15.50
CA GLU A 294 23.40 21.65 14.86
C GLU A 294 23.56 22.89 15.74
N ASN A 295 24.56 23.70 15.43
CA ASN A 295 24.84 24.92 16.19
C ASN A 295 23.68 25.89 16.04
N ASP A 296 23.37 26.62 17.11
CA ASP A 296 22.30 27.60 17.04
C ASP A 296 22.86 28.83 16.33
N GLU A 297 22.00 29.75 15.89
CA GLU A 297 22.46 30.96 15.22
C GLU A 297 23.23 31.82 16.22
N MET A 298 24.26 32.50 15.74
CA MET A 298 25.11 33.35 16.55
C MET A 298 24.43 34.68 16.97
N PRO A 299 24.39 34.96 18.29
CA PRO A 299 23.78 36.19 18.80
C PRO A 299 24.25 37.41 18.02
N ALA A 300 23.32 38.30 17.70
CA ALA A 300 23.60 39.50 16.91
C ALA A 300 24.74 40.37 17.44
N ASP A 301 24.41 41.35 18.26
CA ASP A 301 25.40 42.27 18.80
C ASP A 301 26.27 41.73 19.93
N LEU A 302 27.44 41.23 19.56
CA LEU A 302 28.37 40.71 20.55
C LEU A 302 29.59 41.60 20.57
N PRO A 303 29.96 42.07 21.77
CA PRO A 303 31.11 42.95 21.97
C PRO A 303 32.35 42.34 21.33
N SER A 304 33.46 43.08 21.34
CA SER A 304 34.71 42.56 20.79
C SER A 304 35.44 41.90 21.96
N LEU A 305 36.15 40.82 21.68
CA LEU A 305 36.89 40.10 22.73
C LEU A 305 38.00 40.91 23.38
N ALA A 306 38.75 41.62 22.55
CA ALA A 306 39.87 42.45 23.01
C ALA A 306 39.45 43.32 24.18
N ALA A 307 38.18 43.72 24.19
CA ALA A 307 37.62 44.57 25.23
C ALA A 307 37.93 44.06 26.64
N ASP A 308 37.29 42.97 27.03
CA ASP A 308 37.48 42.39 28.36
C ASP A 308 38.70 41.49 28.51
N PHE A 309 39.33 41.11 27.40
CA PHE A 309 40.46 40.19 27.51
C PHE A 309 41.86 40.69 27.16
N VAL A 310 41.99 41.83 26.46
CA VAL A 310 43.34 42.31 26.15
C VAL A 310 43.52 43.78 26.50
N GLU A 311 42.49 44.58 26.29
CA GLU A 311 42.55 46.00 26.57
C GLU A 311 42.34 46.31 28.04
N SER A 312 41.30 45.72 28.64
CA SER A 312 41.02 45.94 30.05
C SER A 312 42.33 45.94 30.82
N LYS A 313 42.35 46.60 31.96
CA LYS A 313 43.58 46.66 32.74
C LYS A 313 43.43 45.75 33.97
N ASP A 314 42.29 45.08 34.04
CA ASP A 314 42.02 44.17 35.15
C ASP A 314 42.31 42.71 34.84
N VAL A 315 42.77 42.46 33.62
CA VAL A 315 43.10 41.12 33.18
C VAL A 315 43.80 40.31 34.28
N CYS A 316 45.08 40.58 34.46
CA CYS A 316 45.89 39.89 35.44
C CYS A 316 45.23 39.67 36.80
N LYS A 317 44.47 40.66 37.26
CA LYS A 317 43.79 40.57 38.55
C LYS A 317 42.70 39.51 38.54
N ASN A 318 41.89 39.53 37.50
CA ASN A 318 40.81 38.57 37.39
C ASN A 318 41.41 37.19 37.21
N TYR A 319 42.47 37.14 36.40
CA TYR A 319 43.17 35.91 36.14
C TYR A 319 43.62 35.34 37.48
N ALA A 320 44.17 36.21 38.32
CA ALA A 320 44.66 35.78 39.63
C ALA A 320 43.53 35.28 40.52
N GLU A 321 42.46 36.06 40.63
CA GLU A 321 41.32 35.69 41.45
C GLU A 321 40.76 34.30 41.15
N ALA A 322 40.45 34.03 39.89
CA ALA A 322 39.91 32.72 39.52
C ALA A 322 40.35 32.27 38.12
N LYS A 323 41.61 31.85 38.02
CA LYS A 323 42.21 31.40 36.77
C LYS A 323 41.32 30.47 35.98
N ASP A 324 40.67 29.54 36.66
CA ASP A 324 39.77 28.58 36.03
C ASP A 324 38.54 29.19 35.40
N VAL A 325 37.82 29.98 36.17
CA VAL A 325 36.63 30.60 35.64
C VAL A 325 37.00 31.61 34.55
N PHE A 326 38.08 32.35 34.78
CA PHE A 326 38.48 33.34 33.80
C PHE A 326 38.80 32.70 32.45
N LEU A 327 39.69 31.71 32.45
CA LEU A 327 40.05 31.03 31.21
C LEU A 327 38.84 30.34 30.63
N GLY A 328 37.99 29.83 31.49
CA GLY A 328 36.79 29.15 31.02
C GLY A 328 35.95 30.16 30.28
N MET A 329 35.89 31.37 30.82
CA MET A 329 35.11 32.42 30.19
C MET A 329 35.70 32.86 28.87
N PHE A 330 37.03 32.84 28.80
CA PHE A 330 37.70 33.22 27.57
C PHE A 330 37.33 32.23 26.49
N LEU A 331 37.39 30.95 26.82
CA LEU A 331 37.08 29.88 25.87
C LEU A 331 35.66 30.00 25.38
N TYR A 332 34.73 30.07 26.32
CA TYR A 332 33.30 30.22 25.99
C TYR A 332 33.06 31.37 25.01
N GLU A 333 33.63 32.54 25.33
CA GLU A 333 33.45 33.72 24.49
C GLU A 333 34.04 33.59 23.11
N TYR A 334 35.21 32.98 23.00
CA TYR A 334 35.86 32.86 21.71
C TYR A 334 35.22 31.77 20.86
N ALA A 335 34.85 30.69 21.53
CA ALA A 335 34.21 29.56 20.88
C ALA A 335 32.84 29.93 20.34
N ARG A 336 32.02 30.55 21.19
CA ARG A 336 30.66 30.91 20.78
C ARG A 336 30.63 31.70 19.48
N ARG A 337 31.57 32.62 19.29
CA ARG A 337 31.53 33.38 18.05
C ARG A 337 32.36 32.82 16.89
N HIS A 338 32.87 31.60 17.05
CA HIS A 338 33.68 30.95 16.02
C HIS A 338 33.31 29.51 15.71
N PRO A 339 32.10 29.31 15.19
CA PRO A 339 31.71 27.93 14.88
C PRO A 339 32.52 27.46 13.67
N ASP A 340 33.30 28.37 13.09
CA ASP A 340 34.12 28.06 11.93
C ASP A 340 35.49 27.51 12.29
N TYR A 341 35.77 27.44 13.59
CA TYR A 341 37.03 26.91 14.11
C TYR A 341 36.78 25.52 14.67
N SER A 342 37.82 24.69 14.67
CA SER A 342 37.70 23.35 15.21
C SER A 342 37.85 23.44 16.73
N VAL A 343 37.28 22.49 17.47
CA VAL A 343 37.43 22.49 18.92
C VAL A 343 38.92 22.51 19.31
N VAL A 344 39.76 21.71 18.65
CA VAL A 344 41.19 21.73 19.02
C VAL A 344 41.86 23.06 18.76
N LEU A 345 41.47 23.82 17.74
CA LEU A 345 42.11 25.13 17.51
C LEU A 345 41.77 26.06 18.69
N LEU A 346 40.48 26.17 19.01
CA LEU A 346 40.05 27.01 20.12
C LEU A 346 40.86 26.66 21.36
N LEU A 347 40.98 25.37 21.66
CA LEU A 347 41.75 24.98 22.82
C LEU A 347 43.22 25.36 22.67
N ARG A 348 43.75 25.40 21.45
CA ARG A 348 45.15 25.78 21.30
C ARG A 348 45.24 27.27 21.59
N LEU A 349 44.25 28.00 21.11
CA LEU A 349 44.23 29.44 21.34
C LEU A 349 44.18 29.67 22.86
N ALA A 350 43.25 29.02 23.53
CA ALA A 350 43.13 29.16 24.97
C ALA A 350 44.44 28.86 25.69
N LYS A 351 45.23 27.93 25.16
CA LYS A 351 46.47 27.59 25.81
C LYS A 351 47.52 28.68 25.54
N THR A 352 47.39 29.36 24.41
CA THR A 352 48.34 30.40 24.07
C THR A 352 48.06 31.61 24.96
N TYR A 353 46.78 31.88 25.16
CA TYR A 353 46.33 32.99 25.97
C TYR A 353 46.84 32.81 27.39
N GLU A 354 46.48 31.69 28.01
CA GLU A 354 46.93 31.39 29.35
C GLU A 354 48.46 31.54 29.51
N THR A 355 49.22 30.91 28.62
CA THR A 355 50.67 30.98 28.69
C THR A 355 51.13 32.44 28.68
N THR A 356 50.39 33.26 27.97
CA THR A 356 50.74 34.68 27.88
C THR A 356 50.42 35.43 29.17
N LEU A 357 49.35 35.07 29.86
CA LEU A 357 49.04 35.77 31.10
C LEU A 357 50.03 35.31 32.16
N GLU A 358 50.34 34.02 32.17
CA GLU A 358 51.30 33.50 33.14
C GLU A 358 52.62 34.28 33.11
N LYS A 359 53.13 34.55 31.91
CA LYS A 359 54.38 35.28 31.81
C LYS A 359 54.18 36.79 31.90
N CYS A 360 53.18 37.32 31.19
CA CYS A 360 52.92 38.76 31.21
C CYS A 360 52.50 39.34 32.57
N CYS A 361 51.67 38.62 33.31
CA CYS A 361 51.19 39.09 34.61
C CYS A 361 52.27 39.06 35.67
N ALA A 362 53.49 38.74 35.25
CA ALA A 362 54.62 38.71 36.17
C ALA A 362 55.60 39.81 35.77
N ALA A 363 55.22 40.60 34.77
CA ALA A 363 56.07 41.68 34.29
C ALA A 363 55.81 42.97 35.05
N ALA A 364 56.55 44.01 34.68
CA ALA A 364 56.44 45.33 35.29
C ALA A 364 55.13 45.96 34.87
N ASP A 365 54.94 46.05 33.55
CA ASP A 365 53.74 46.61 32.97
C ASP A 365 53.05 45.48 32.22
N PRO A 366 52.17 44.73 32.91
CA PRO A 366 51.45 43.62 32.28
C PRO A 366 50.78 44.01 30.98
N HIS A 367 49.98 45.07 31.04
CA HIS A 367 49.24 45.54 29.88
C HIS A 367 50.05 45.58 28.59
N GLU A 368 51.24 46.15 28.64
CA GLU A 368 52.07 46.26 27.44
C GLU A 368 52.45 44.87 26.92
N CYS A 369 52.88 44.01 27.82
CA CYS A 369 53.27 42.66 27.47
C CYS A 369 52.16 41.83 26.81
N TYR A 370 50.98 41.77 27.40
CA TYR A 370 49.90 40.98 26.83
C TYR A 370 48.99 41.75 25.89
N ALA A 371 49.48 42.88 25.39
CA ALA A 371 48.72 43.74 24.48
C ALA A 371 48.60 43.22 23.06
N LYS A 372 49.53 42.37 22.65
CA LYS A 372 49.47 41.86 21.29
C LYS A 372 49.30 40.34 21.19
N VAL A 373 48.51 39.78 22.12
CA VAL A 373 48.28 38.34 22.16
C VAL A 373 47.57 37.79 20.92
N PHE A 374 46.70 38.60 20.32
CA PHE A 374 45.97 38.19 19.13
C PHE A 374 46.86 38.08 17.89
N ASP A 375 48.09 38.58 17.98
CA ASP A 375 49.00 38.51 16.85
C ASP A 375 49.65 37.14 16.93
N GLU A 376 49.56 36.51 18.10
CA GLU A 376 50.09 35.16 18.31
C GLU A 376 49.07 34.15 17.79
N PHE A 377 47.82 34.59 17.70
CA PHE A 377 46.72 33.74 17.23
C PHE A 377 46.75 33.53 15.73
N LYS A 378 47.09 34.59 14.99
CA LYS A 378 47.12 34.56 13.53
C LYS A 378 47.82 33.32 12.96
N PRO A 379 49.07 33.05 13.36
CA PRO A 379 49.76 31.87 12.83
C PRO A 379 48.99 30.57 13.11
N LEU A 380 48.49 30.43 14.33
CA LEU A 380 47.76 29.23 14.73
C LEU A 380 46.50 28.98 13.95
N VAL A 381 45.85 30.05 13.51
CA VAL A 381 44.61 29.92 12.75
C VAL A 381 44.86 29.58 11.28
N GLU A 382 45.96 30.07 10.73
CA GLU A 382 46.27 29.82 9.32
C GLU A 382 46.87 28.45 9.05
N GLU A 383 47.57 27.87 10.02
CA GLU A 383 48.18 26.57 9.81
C GLU A 383 47.11 25.57 9.38
N PRO A 384 46.10 25.32 10.23
CA PRO A 384 45.05 24.37 9.84
C PRO A 384 44.43 24.68 8.49
N GLN A 385 44.07 25.94 8.28
CA GLN A 385 43.45 26.37 7.03
C GLN A 385 44.29 26.00 5.81
N ASN A 386 45.57 26.32 5.83
CA ASN A 386 46.41 25.96 4.72
C ASN A 386 46.48 24.44 4.59
N LEU A 387 46.68 23.74 5.70
CA LEU A 387 46.77 22.28 5.65
C LEU A 387 45.55 21.71 4.94
N ILE A 388 44.35 22.14 5.38
CA ILE A 388 43.08 21.69 4.81
C ILE A 388 42.93 22.12 3.33
N LYS A 389 43.26 23.37 3.03
CA LYS A 389 43.16 23.86 1.66
C LYS A 389 43.98 22.99 0.69
N GLN A 390 45.23 22.70 1.06
CA GLN A 390 46.11 21.87 0.25
C GLN A 390 45.61 20.46 0.04
N ASN A 391 45.46 19.73 1.14
CA ASN A 391 45.03 18.34 1.12
C ASN A 391 43.69 18.07 0.50
N CYS A 392 42.78 19.03 0.53
CA CYS A 392 41.51 18.77 -0.12
C CYS A 392 41.73 18.90 -1.63
N GLU A 393 42.57 19.84 -2.04
CA GLU A 393 42.85 20.01 -3.46
C GLU A 393 43.48 18.71 -3.94
N LEU A 394 44.44 18.22 -3.20
CA LEU A 394 45.08 16.98 -3.54
C LEU A 394 44.03 15.85 -3.64
N PHE A 395 43.13 15.77 -2.65
CA PHE A 395 42.08 14.75 -2.64
C PHE A 395 41.21 14.82 -3.88
N GLU A 396 40.75 16.03 -4.18
CA GLU A 396 39.90 16.28 -5.33
C GLU A 396 40.52 15.72 -6.61
N GLN A 397 41.84 15.63 -6.64
CA GLN A 397 42.56 15.14 -7.80
C GLN A 397 42.79 13.64 -7.87
N LEU A 398 43.16 13.04 -6.75
CA LEU A 398 43.43 11.61 -6.73
C LEU A 398 42.27 10.66 -6.48
N GLY A 399 41.25 11.11 -5.77
CA GLY A 399 40.13 10.23 -5.50
C GLY A 399 40.43 9.62 -4.17
N GLU A 400 39.50 8.87 -3.58
CA GLU A 400 39.76 8.29 -2.28
C GLU A 400 40.78 7.17 -2.21
N TYR A 401 40.77 6.27 -3.20
CA TYR A 401 41.72 5.16 -3.21
C TYR A 401 43.15 5.65 -3.30
N LYS A 402 43.47 6.41 -4.34
CA LYS A 402 44.82 6.92 -4.46
C LYS A 402 45.22 7.79 -3.26
N PHE A 403 44.30 8.59 -2.72
CA PHE A 403 44.64 9.42 -1.58
C PHE A 403 45.05 8.54 -0.40
N GLN A 404 44.30 7.47 -0.17
CA GLN A 404 44.62 6.55 0.92
C GLN A 404 45.99 5.99 0.72
N ASN A 405 46.35 5.74 -0.53
CA ASN A 405 47.66 5.19 -0.81
C ASN A 405 48.70 6.24 -0.49
N ALA A 406 48.49 7.47 -0.93
CA ALA A 406 49.45 8.52 -0.64
C ALA A 406 49.64 8.63 0.87
N LEU A 407 48.55 8.42 1.61
CA LEU A 407 48.58 8.49 3.07
C LEU A 407 49.30 7.30 3.67
N LEU A 408 49.20 6.13 3.04
CA LEU A 408 49.88 4.94 3.55
C LEU A 408 51.38 5.15 3.41
N VAL A 409 51.81 5.69 2.27
CA VAL A 409 53.22 5.97 2.04
C VAL A 409 53.74 6.98 3.04
N ARG A 410 53.01 8.08 3.22
CA ARG A 410 53.41 9.12 4.17
C ARG A 410 53.47 8.62 5.61
N TYR A 411 52.41 7.98 6.09
CA TYR A 411 52.44 7.50 7.46
C TYR A 411 53.43 6.39 7.78
N THR A 412 53.70 5.50 6.82
CA THR A 412 54.64 4.42 7.09
C THR A 412 56.05 5.02 7.18
N LYS A 413 56.33 6.01 6.36
CA LYS A 413 57.65 6.65 6.43
C LYS A 413 57.78 7.41 7.75
N LYS A 414 56.67 7.86 8.31
CA LYS A 414 56.73 8.59 9.56
C LYS A 414 56.97 7.70 10.73
N VAL A 415 56.21 6.61 10.80
CA VAL A 415 56.31 5.69 11.92
C VAL A 415 56.26 4.27 11.38
N PRO A 416 57.41 3.81 10.82
CA PRO A 416 57.61 2.49 10.22
C PRO A 416 57.50 1.29 11.17
N GLN A 417 57.69 1.50 12.46
CA GLN A 417 57.61 0.39 13.38
C GLN A 417 56.20 -0.12 13.59
N VAL A 418 55.23 0.77 13.43
CA VAL A 418 53.85 0.40 13.64
C VAL A 418 53.46 -0.80 12.78
N SER A 419 52.69 -1.72 13.38
CA SER A 419 52.23 -2.94 12.70
C SER A 419 51.45 -2.64 11.43
N THR A 420 51.68 -3.45 10.40
CA THR A 420 51.01 -3.24 9.13
C THR A 420 49.48 -3.26 9.21
N PRO A 421 48.91 -4.09 10.09
CA PRO A 421 47.44 -4.08 10.16
C PRO A 421 46.94 -2.73 10.67
N THR A 422 47.63 -2.17 11.66
CA THR A 422 47.24 -0.88 12.23
C THR A 422 47.44 0.30 11.28
N LEU A 423 48.53 0.30 10.52
CA LEU A 423 48.78 1.39 9.59
C LEU A 423 47.72 1.40 8.49
N VAL A 424 47.40 0.21 8.01
CA VAL A 424 46.42 0.08 6.94
C VAL A 424 45.08 0.62 7.43
N GLU A 425 44.64 0.15 8.58
CA GLU A 425 43.36 0.58 9.17
C GLU A 425 43.27 2.11 9.35
N VAL A 426 44.30 2.67 9.97
CA VAL A 426 44.41 4.09 10.27
C VAL A 426 44.51 4.98 9.03
N SER A 427 45.25 4.54 8.03
CA SER A 427 45.39 5.35 6.83
C SER A 427 44.12 5.33 5.99
N ARG A 428 43.42 4.20 5.96
CA ARG A 428 42.18 4.11 5.19
C ARG A 428 41.21 5.07 5.85
N ASN A 429 41.08 4.99 7.17
CA ASN A 429 40.18 5.90 7.87
C ASN A 429 40.58 7.35 7.61
N LEU A 430 41.87 7.66 7.71
CA LEU A 430 42.36 9.03 7.48
C LEU A 430 41.97 9.48 6.10
N GLY A 431 41.88 8.54 5.17
CA GLY A 431 41.51 8.92 3.83
C GLY A 431 40.04 9.29 3.74
N LYS A 432 39.22 8.65 4.56
CA LYS A 432 37.79 8.93 4.53
C LYS A 432 37.47 10.35 4.96
N VAL A 433 38.43 11.00 5.61
CA VAL A 433 38.24 12.38 6.04
C VAL A 433 38.16 13.27 4.81
N GLY A 434 38.81 12.83 3.76
CA GLY A 434 38.79 13.61 2.55
C GLY A 434 37.39 13.58 1.99
N SER A 435 36.82 12.37 1.90
CA SER A 435 35.49 12.25 1.33
C SER A 435 34.45 12.93 2.22
N LYS A 436 34.56 12.78 3.53
CA LYS A 436 33.59 13.36 4.42
C LYS A 436 33.62 14.89 4.54
N CYS A 437 34.82 15.46 4.51
CA CYS A 437 34.96 16.89 4.72
C CYS A 437 35.28 17.81 3.55
N CYS A 438 36.04 17.36 2.59
CA CYS A 438 36.37 18.29 1.52
C CYS A 438 35.18 18.87 0.74
N LYS A 439 34.06 18.13 0.73
CA LYS A 439 32.87 18.56 0.01
C LYS A 439 32.29 19.84 0.58
N HIS A 440 32.48 20.07 1.88
CA HIS A 440 31.96 21.27 2.53
C HIS A 440 32.67 22.54 2.09
N PRO A 441 32.01 23.70 2.28
CA PRO A 441 32.61 24.99 1.91
C PRO A 441 33.62 25.37 2.99
N GLU A 442 34.56 26.28 2.67
CA GLU A 442 35.58 26.71 3.63
C GLU A 442 35.08 26.81 5.07
N ALA A 443 33.93 27.43 5.25
CA ALA A 443 33.31 27.65 6.55
C ALA A 443 33.17 26.45 7.50
N LYS A 444 32.74 25.31 6.99
CA LYS A 444 32.58 24.16 7.86
C LYS A 444 33.67 23.11 7.68
N ARG A 445 34.71 23.44 6.92
CA ARG A 445 35.77 22.49 6.68
C ARG A 445 36.66 22.15 7.85
N MET A 446 37.05 23.16 8.62
CA MET A 446 37.94 22.92 9.75
C MET A 446 37.36 22.11 10.89
N PRO A 447 36.12 22.41 11.29
CA PRO A 447 35.56 21.61 12.39
C PRO A 447 35.55 20.18 11.91
N CYS A 448 34.96 19.98 10.74
CA CYS A 448 34.86 18.67 10.14
C CYS A 448 36.20 17.93 10.07
N ALA A 449 37.16 18.53 9.37
CA ALA A 449 38.46 17.92 9.16
C ALA A 449 39.27 17.62 10.41
N GLU A 450 39.58 18.65 11.17
CA GLU A 450 40.42 18.43 12.32
C GLU A 450 39.82 17.66 13.49
N ASP A 451 38.53 17.75 13.72
CA ASP A 451 38.00 17.00 14.84
C ASP A 451 37.95 15.53 14.42
N TYR A 452 37.76 15.28 13.13
CA TYR A 452 37.72 13.91 12.63
C TYR A 452 39.12 13.31 12.75
N LEU A 453 40.15 14.08 12.35
CA LEU A 453 41.55 13.62 12.46
C LEU A 453 41.84 13.23 13.93
N SER A 454 41.26 13.98 14.86
CA SER A 454 41.43 13.73 16.29
C SER A 454 40.96 12.33 16.65
N VAL A 455 39.77 11.99 16.15
CA VAL A 455 39.18 10.69 16.39
C VAL A 455 40.06 9.60 15.81
N VAL A 456 40.35 9.71 14.53
CA VAL A 456 41.18 8.71 13.90
C VAL A 456 42.59 8.55 14.48
N LEU A 457 43.26 9.63 14.87
CA LEU A 457 44.59 9.49 15.43
C LEU A 457 44.47 8.93 16.84
N ASN A 458 43.27 9.01 17.42
CA ASN A 458 43.10 8.46 18.77
C ASN A 458 43.09 6.96 18.67
N GLN A 459 42.58 6.45 17.55
CA GLN A 459 42.53 5.01 17.36
C GLN A 459 43.99 4.54 17.29
N LEU A 460 44.78 5.20 16.42
CA LEU A 460 46.19 4.87 16.27
C LEU A 460 46.82 4.84 17.66
N CYS A 461 46.53 5.85 18.47
CA CYS A 461 47.15 5.90 19.77
C CYS A 461 46.75 4.76 20.73
N VAL A 462 45.45 4.43 20.85
CA VAL A 462 45.03 3.36 21.75
C VAL A 462 45.44 2.00 21.18
N LEU A 463 45.37 1.80 19.88
CA LEU A 463 45.81 0.51 19.38
C LEU A 463 47.30 0.32 19.70
N HIS A 464 48.07 1.37 19.45
CA HIS A 464 49.51 1.39 19.67
C HIS A 464 49.92 1.17 21.13
N GLU A 465 49.20 1.79 22.05
CA GLU A 465 49.49 1.70 23.47
C GLU A 465 49.46 0.26 23.98
N LYS A 466 48.75 -0.61 23.26
CA LYS A 466 48.63 -2.02 23.62
C LYS A 466 49.98 -2.71 23.48
N THR A 467 50.76 -2.30 22.49
CA THR A 467 52.09 -2.86 22.26
C THR A 467 52.95 -1.77 21.64
N PRO A 468 53.47 -0.90 22.49
CA PRO A 468 54.31 0.20 22.05
C PRO A 468 55.58 -0.26 21.32
N VAL A 469 55.84 0.32 20.16
CA VAL A 469 57.02 -0.04 19.38
C VAL A 469 57.63 1.16 18.70
N SER A 470 56.96 2.30 18.83
CA SER A 470 57.41 3.56 18.25
C SER A 470 57.33 4.70 19.25
N ASP A 471 58.48 5.16 19.72
CA ASP A 471 58.54 6.26 20.67
C ASP A 471 58.00 7.54 20.07
N ARG A 472 58.07 7.65 18.75
CA ARG A 472 57.58 8.84 18.07
C ARG A 472 56.06 8.89 18.16
N VAL A 473 55.43 7.71 18.21
CA VAL A 473 54.00 7.62 18.32
C VAL A 473 53.64 7.96 19.75
N THR A 474 54.34 7.33 20.68
CA THR A 474 54.10 7.54 22.11
C THR A 474 54.19 9.03 22.46
N LYS A 475 55.24 9.68 22.01
CA LYS A 475 55.44 11.10 22.26
C LYS A 475 54.32 11.95 21.67
N CYS A 476 53.96 11.69 20.43
CA CYS A 476 52.91 12.48 19.83
C CYS A 476 51.53 12.21 20.47
N CYS A 477 51.36 11.05 21.07
CA CYS A 477 50.07 10.66 21.70
C CYS A 477 49.87 11.12 23.15
N THR A 478 50.95 11.21 23.90
CA THR A 478 50.90 11.59 25.32
C THR A 478 51.31 13.02 25.66
N GLU A 479 52.04 13.66 24.76
CA GLU A 479 52.49 15.00 25.03
C GLU A 479 51.40 16.04 25.14
N SER A 480 50.39 15.94 24.28
CA SER A 480 49.32 16.91 24.29
C SER A 480 48.14 16.40 23.49
N LEU A 481 47.00 16.34 24.12
CA LEU A 481 45.82 15.87 23.42
C LEU A 481 45.47 16.76 22.21
N VAL A 482 45.41 18.06 22.42
CA VAL A 482 45.04 18.98 21.32
C VAL A 482 46.07 19.17 20.22
N ASN A 483 47.33 18.87 20.50
CA ASN A 483 48.35 19.03 19.48
C ASN A 483 48.80 17.76 18.80
N ARG A 484 48.02 16.70 18.96
CA ARG A 484 48.35 15.42 18.35
C ARG A 484 48.48 15.54 16.88
N ARG A 485 47.50 16.18 16.28
CA ARG A 485 47.49 16.32 14.82
C ARG A 485 48.68 17.12 14.28
N PRO A 486 48.99 18.28 14.88
CA PRO A 486 50.14 19.01 14.33
C PRO A 486 51.43 18.26 14.65
N CYS A 487 51.40 17.42 15.67
CA CYS A 487 52.61 16.69 16.08
C CYS A 487 52.97 15.67 15.01
N PHE A 488 51.95 14.90 14.61
CA PHE A 488 52.08 13.86 13.58
C PHE A 488 52.35 14.46 12.20
N SER A 489 51.71 15.59 11.94
CA SER A 489 51.87 16.25 10.67
C SER A 489 53.28 16.80 10.50
N ALA A 490 53.95 17.06 11.62
CA ALA A 490 55.28 17.62 11.58
C ALA A 490 56.31 16.52 11.37
N LEU A 491 55.92 15.27 11.57
CA LEU A 491 56.87 14.18 11.37
C LEU A 491 57.04 13.98 9.86
N GLU A 492 58.27 13.67 9.46
CA GLU A 492 58.60 13.47 8.05
C GLU A 492 59.02 12.01 7.86
N VAL A 493 60.30 11.68 8.02
CA VAL A 493 60.69 10.28 7.90
C VAL A 493 61.58 9.92 9.08
N ASP A 494 61.33 8.76 9.67
CA ASP A 494 62.15 8.32 10.79
C ASP A 494 63.54 8.03 10.21
N GLU A 495 64.48 8.93 10.49
CA GLU A 495 65.84 8.79 9.98
C GLU A 495 66.65 7.67 10.63
N THR A 496 66.25 7.24 11.82
CA THR A 496 66.95 6.17 12.52
C THR A 496 66.41 4.77 12.25
N TYR A 497 65.33 4.68 11.49
CA TYR A 497 64.71 3.40 11.16
C TYR A 497 65.56 2.51 10.24
N VAL A 498 65.74 1.26 10.66
CA VAL A 498 66.51 0.31 9.87
C VAL A 498 65.60 -0.53 9.00
N PRO A 499 65.73 -0.40 7.67
CA PRO A 499 64.94 -1.13 6.68
C PRO A 499 64.83 -2.63 6.97
N LYS A 500 63.67 -3.21 6.67
CA LYS A 500 63.41 -4.63 6.88
C LYS A 500 63.92 -5.48 5.72
N GLU A 501 64.06 -6.78 5.99
CA GLU A 501 64.52 -7.73 4.97
C GLU A 501 63.36 -8.56 4.45
N PHE A 502 63.23 -8.62 3.12
CA PHE A 502 62.15 -9.35 2.44
C PHE A 502 61.83 -10.75 2.98
N ASN A 503 60.55 -11.10 2.88
CA ASN A 503 60.05 -12.41 3.31
C ASN A 503 59.14 -12.94 2.20
N ALA A 504 59.54 -14.08 1.62
CA ALA A 504 58.80 -14.70 0.54
C ALA A 504 57.29 -14.70 0.79
N GLU A 505 56.89 -15.22 1.94
CA GLU A 505 55.49 -15.32 2.33
C GLU A 505 54.73 -14.00 2.28
N THR A 506 55.36 -12.92 2.76
CA THR A 506 54.75 -11.61 2.79
C THR A 506 54.29 -11.06 1.43
N PHE A 507 55.04 -11.39 0.37
CA PHE A 507 54.69 -10.89 -0.95
C PHE A 507 54.23 -11.97 -1.94
N THR A 508 53.69 -13.07 -1.42
CA THR A 508 53.19 -14.16 -2.26
C THR A 508 51.68 -14.11 -2.42
N PHE A 509 51.22 -13.61 -3.57
CA PHE A 509 49.79 -13.49 -3.86
C PHE A 509 49.23 -14.77 -4.47
N HIS A 510 48.23 -15.34 -3.80
CA HIS A 510 47.58 -16.57 -4.26
C HIS A 510 46.30 -16.26 -5.03
N ALA A 511 45.53 -17.29 -5.36
CA ALA A 511 44.29 -17.11 -6.08
C ALA A 511 43.15 -16.80 -5.10
N ASP A 512 43.40 -17.05 -3.82
CA ASP A 512 42.40 -16.80 -2.78
C ASP A 512 42.02 -15.32 -2.73
N ILE A 513 42.76 -14.51 -3.49
CA ILE A 513 42.49 -13.07 -3.56
C ILE A 513 41.22 -12.85 -4.36
N CYS A 514 41.12 -13.63 -5.43
CA CYS A 514 40.02 -13.60 -6.38
C CYS A 514 38.65 -13.75 -5.76
N THR A 515 38.53 -14.62 -4.76
CA THR A 515 37.24 -14.79 -4.09
C THR A 515 36.89 -13.56 -3.26
N LEU A 516 37.92 -12.91 -2.71
CA LEU A 516 37.75 -11.72 -1.88
C LEU A 516 37.09 -10.55 -2.62
N SER A 517 36.23 -9.83 -1.91
CA SER A 517 35.51 -8.69 -2.48
C SER A 517 36.45 -7.68 -3.14
N GLU A 518 35.89 -6.78 -3.95
CA GLU A 518 36.69 -5.77 -4.64
C GLU A 518 37.51 -4.98 -3.63
N LYS A 519 36.91 -4.70 -2.48
CA LYS A 519 37.59 -3.95 -1.42
C LYS A 519 38.68 -4.79 -0.77
N GLU A 520 38.33 -6.00 -0.36
CA GLU A 520 39.30 -6.90 0.29
C GLU A 520 40.55 -7.05 -0.56
N ARG A 521 40.46 -6.62 -1.82
CA ARG A 521 41.58 -6.69 -2.75
C ARG A 521 42.48 -5.48 -2.50
N GLN A 522 41.93 -4.29 -2.70
CA GLN A 522 42.68 -3.05 -2.47
C GLN A 522 43.39 -3.19 -1.14
N ILE A 523 42.66 -3.66 -0.14
CA ILE A 523 43.22 -3.83 1.18
C ILE A 523 44.45 -4.71 1.13
N LYS A 524 44.46 -5.66 0.20
CA LYS A 524 45.59 -6.56 0.05
C LYS A 524 46.71 -5.81 -0.64
N LYS A 525 46.37 -5.11 -1.72
CA LYS A 525 47.36 -4.34 -2.44
C LYS A 525 47.94 -3.24 -1.55
N GLN A 526 47.11 -2.67 -0.66
CA GLN A 526 47.53 -1.61 0.26
C GLN A 526 48.48 -2.16 1.32
N THR A 527 48.18 -3.37 1.77
CA THR A 527 48.99 -4.04 2.78
C THR A 527 50.36 -4.32 2.19
N ALA A 528 50.42 -4.53 0.88
CA ALA A 528 51.68 -4.83 0.22
C ALA A 528 52.50 -3.56 0.06
N LEU A 529 51.80 -2.46 -0.18
CA LEU A 529 52.46 -1.17 -0.33
C LEU A 529 53.14 -0.81 0.97
N VAL A 530 52.45 -1.09 2.08
CA VAL A 530 52.98 -0.82 3.40
C VAL A 530 54.26 -1.59 3.61
N GLU A 531 54.17 -2.90 3.38
CA GLU A 531 55.33 -3.78 3.52
C GLU A 531 56.47 -3.31 2.64
N LEU A 532 56.17 -2.92 1.41
CA LEU A 532 57.20 -2.45 0.51
C LEU A 532 57.93 -1.22 1.10
N VAL A 533 57.15 -0.22 1.50
CA VAL A 533 57.74 1.00 2.05
C VAL A 533 58.60 0.72 3.29
N LYS A 534 58.23 -0.30 4.07
CA LYS A 534 59.02 -0.64 5.24
C LYS A 534 60.35 -1.22 4.77
N HIS A 535 60.36 -1.79 3.57
CA HIS A 535 61.58 -2.38 3.04
C HIS A 535 62.37 -1.32 2.31
N LYS A 536 61.70 -0.30 1.80
CA LYS A 536 62.41 0.74 1.09
C LYS A 536 61.93 2.15 1.47
N PRO A 537 62.19 2.56 2.72
CA PRO A 537 61.79 3.87 3.24
C PRO A 537 62.15 4.96 2.25
N LYS A 538 63.44 4.98 1.87
CA LYS A 538 63.94 5.98 0.95
C LYS A 538 63.38 5.93 -0.47
N ALA A 539 62.66 4.87 -0.80
CA ALA A 539 62.07 4.75 -2.13
C ALA A 539 61.27 6.01 -2.44
N THR A 540 60.97 6.23 -3.72
CA THR A 540 60.22 7.42 -4.09
C THR A 540 58.82 7.11 -4.57
N LYS A 541 57.93 8.10 -4.44
CA LYS A 541 56.54 7.95 -4.86
C LYS A 541 56.47 7.61 -6.34
N GLU A 542 57.56 7.85 -7.04
CA GLU A 542 57.62 7.56 -8.45
C GLU A 542 57.68 6.04 -8.63
N GLN A 543 58.68 5.42 -8.01
CA GLN A 543 58.87 3.98 -8.11
C GLN A 543 57.67 3.22 -7.53
N LEU A 544 57.22 3.66 -6.35
CA LEU A 544 56.10 3.03 -5.68
C LEU A 544 54.92 2.84 -6.66
N LYS A 545 54.47 3.92 -7.27
CA LYS A 545 53.38 3.85 -8.25
C LYS A 545 53.73 2.73 -9.21
N ALA A 546 54.75 2.98 -10.02
CA ALA A 546 55.23 2.05 -11.03
C ALA A 546 55.21 0.59 -10.63
N VAL A 547 55.24 0.32 -9.32
CA VAL A 547 55.23 -1.05 -8.82
C VAL A 547 53.83 -1.49 -8.48
N MET A 548 53.03 -0.56 -7.95
CA MET A 548 51.66 -0.86 -7.58
C MET A 548 50.90 -1.43 -8.78
N ASP A 549 50.86 -0.65 -9.85
CA ASP A 549 50.17 -1.05 -11.08
C ASP A 549 50.51 -2.49 -11.47
N ASP A 550 51.76 -2.88 -11.23
CA ASP A 550 52.21 -4.23 -11.56
C ASP A 550 51.32 -5.21 -10.81
N PHE A 551 51.27 -5.06 -9.48
CA PHE A 551 50.46 -5.93 -8.63
C PHE A 551 49.04 -6.06 -9.20
N ALA A 552 48.53 -4.96 -9.73
CA ALA A 552 47.19 -4.97 -10.32
C ALA A 552 47.17 -6.05 -11.39
N ALA A 553 48.22 -6.06 -12.21
CA ALA A 553 48.37 -7.03 -13.29
C ALA A 553 48.43 -8.47 -12.77
N PHE A 554 49.20 -8.69 -11.72
CA PHE A 554 49.32 -10.02 -11.16
C PHE A 554 47.97 -10.63 -10.80
N VAL A 555 47.06 -9.79 -10.30
CA VAL A 555 45.71 -10.22 -9.90
C VAL A 555 44.83 -10.64 -11.07
N GLU A 556 44.67 -9.74 -12.04
CA GLU A 556 43.85 -10.00 -13.23
C GLU A 556 44.27 -11.26 -13.99
N LYS A 557 45.58 -11.44 -14.18
CA LYS A 557 46.11 -12.60 -14.87
C LYS A 557 45.76 -13.87 -14.09
N CYS A 558 46.62 -14.19 -13.14
CA CYS A 558 46.49 -15.35 -12.27
C CYS A 558 45.02 -15.71 -11.95
N CYS A 559 44.24 -14.73 -11.49
CA CYS A 559 42.83 -14.95 -11.15
C CYS A 559 41.93 -15.46 -12.30
N LYS A 560 42.32 -15.21 -13.55
CA LYS A 560 41.54 -15.66 -14.69
C LYS A 560 42.45 -16.30 -15.73
N ALA A 561 42.95 -17.50 -15.41
CA ALA A 561 43.85 -18.22 -16.31
C ALA A 561 43.86 -19.72 -16.02
N ASP A 562 42.83 -20.43 -16.50
CA ASP A 562 42.71 -21.87 -16.30
C ASP A 562 42.88 -22.27 -14.84
N ASP A 563 42.88 -23.58 -14.58
CA ASP A 563 43.05 -24.09 -13.22
C ASP A 563 44.46 -23.78 -12.75
N LYS A 564 44.64 -22.60 -12.16
CA LYS A 564 45.95 -22.20 -11.67
C LYS A 564 45.93 -21.64 -10.26
N GLU A 565 46.39 -22.46 -9.32
CA GLU A 565 46.49 -22.06 -7.92
C GLU A 565 47.99 -21.97 -7.75
N THR A 566 48.68 -22.35 -8.82
CA THR A 566 50.13 -22.32 -8.88
C THR A 566 50.61 -21.08 -9.62
N CYS A 567 49.74 -20.46 -10.40
CA CYS A 567 50.11 -19.23 -11.11
C CYS A 567 50.54 -18.27 -10.02
N PHE A 568 49.96 -18.46 -8.84
CA PHE A 568 50.25 -17.64 -7.67
C PHE A 568 51.72 -17.74 -7.30
N ALA A 569 52.32 -18.90 -7.59
CA ALA A 569 53.73 -19.13 -7.32
C ALA A 569 54.56 -18.76 -8.54
N GLU A 570 54.05 -19.07 -9.72
CA GLU A 570 54.72 -18.76 -10.97
C GLU A 570 54.62 -17.27 -11.30
N GLU A 571 53.39 -16.79 -11.43
CA GLU A 571 53.13 -15.38 -11.73
C GLU A 571 53.70 -14.52 -10.60
N GLY A 572 53.70 -15.07 -9.40
CA GLY A 572 54.23 -14.36 -8.24
C GLY A 572 55.74 -14.28 -8.27
N LYS A 573 56.37 -15.27 -8.89
CA LYS A 573 57.83 -15.31 -8.99
C LYS A 573 58.29 -14.16 -9.89
N LYS A 574 57.61 -14.00 -11.02
CA LYS A 574 57.93 -12.94 -11.97
C LYS A 574 57.65 -11.60 -11.28
N LEU A 575 56.73 -11.63 -10.32
CA LEU A 575 56.36 -10.46 -9.55
C LEU A 575 57.51 -10.01 -8.64
N VAL A 576 57.85 -10.84 -7.68
CA VAL A 576 58.93 -10.54 -6.74
C VAL A 576 60.22 -10.24 -7.48
N ALA A 577 60.47 -10.96 -8.56
CA ALA A 577 61.66 -10.78 -9.36
C ALA A 577 61.74 -9.33 -9.86
N ALA A 578 60.67 -8.86 -10.48
CA ALA A 578 60.60 -7.50 -11.00
C ALA A 578 60.48 -6.52 -9.83
N SER A 579 59.97 -7.02 -8.71
CA SER A 579 59.79 -6.21 -7.51
C SER A 579 61.14 -5.94 -6.84
N GLN A 580 61.98 -6.97 -6.76
CA GLN A 580 63.29 -6.83 -6.15
C GLN A 580 64.19 -5.94 -7.01
N ALA A 581 63.83 -5.81 -8.27
CA ALA A 581 64.58 -5.00 -9.22
C ALA A 581 64.42 -3.51 -8.97
N ALA A 582 63.18 -3.03 -9.08
CA ALA A 582 62.90 -1.61 -8.86
C ALA A 582 63.42 -1.15 -7.51
N SER B 5 -3.76 -2.45 -4.41
CA SER B 5 -4.68 -1.48 -5.08
C SER B 5 -5.56 -2.16 -6.13
N GLU B 6 -6.84 -2.31 -5.82
CA GLU B 6 -7.78 -2.96 -6.73
C GLU B 6 -8.08 -2.06 -7.92
N VAL B 7 -8.11 -0.75 -7.69
CA VAL B 7 -8.37 0.22 -8.75
C VAL B 7 -7.44 -0.04 -9.93
N ALA B 8 -6.19 -0.38 -9.62
CA ALA B 8 -5.18 -0.67 -10.65
C ALA B 8 -5.57 -1.92 -11.42
N HIS B 9 -5.83 -3.00 -10.69
CA HIS B 9 -6.22 -4.28 -11.30
C HIS B 9 -7.34 -4.05 -12.29
N ARG B 10 -8.26 -3.14 -11.94
CA ARG B 10 -9.40 -2.86 -12.80
C ARG B 10 -9.06 -1.92 -13.96
N PHE B 11 -8.19 -0.95 -13.71
CA PHE B 11 -7.82 0.00 -14.76
C PHE B 11 -6.96 -0.69 -15.82
N LYS B 12 -6.15 -1.65 -15.39
CA LYS B 12 -5.27 -2.37 -16.29
C LYS B 12 -6.06 -3.35 -17.16
N ASP B 13 -6.84 -4.20 -16.50
CA ASP B 13 -7.65 -5.21 -17.19
C ASP B 13 -8.69 -4.65 -18.15
N LEU B 14 -9.31 -3.53 -17.77
CA LEU B 14 -10.34 -2.94 -18.60
C LEU B 14 -9.86 -1.95 -19.65
N GLY B 15 -8.89 -1.12 -19.30
CA GLY B 15 -8.41 -0.13 -20.25
C GLY B 15 -9.04 1.22 -19.94
N GLU B 16 -8.30 2.30 -20.21
CA GLU B 16 -8.79 3.65 -19.93
C GLU B 16 -10.20 3.96 -20.41
N GLU B 17 -10.54 3.54 -21.62
CA GLU B 17 -11.86 3.81 -22.17
C GLU B 17 -12.95 3.05 -21.40
N ASN B 18 -12.97 1.73 -21.56
CA ASN B 18 -13.97 0.91 -20.87
C ASN B 18 -14.08 1.29 -19.39
N PHE B 19 -12.94 1.62 -18.79
CA PHE B 19 -12.90 1.99 -17.38
C PHE B 19 -13.70 3.26 -17.13
N LYS B 20 -13.48 4.27 -17.96
CA LYS B 20 -14.17 5.54 -17.79
C LYS B 20 -15.67 5.40 -18.02
N ALA B 21 -16.02 4.52 -18.95
CA ALA B 21 -17.41 4.27 -19.29
C ALA B 21 -18.12 3.60 -18.10
N LEU B 22 -17.58 2.47 -17.65
CA LEU B 22 -18.15 1.72 -16.54
C LEU B 22 -18.34 2.59 -15.28
N VAL B 23 -17.33 3.37 -14.96
CA VAL B 23 -17.41 4.23 -13.78
C VAL B 23 -18.51 5.28 -13.92
N LEU B 24 -18.68 5.82 -15.13
CA LEU B 24 -19.71 6.82 -15.38
C LEU B 24 -21.08 6.18 -15.18
N ILE B 25 -21.26 4.99 -15.75
CA ILE B 25 -22.50 4.22 -15.66
C ILE B 25 -22.83 3.95 -14.20
N ALA B 26 -21.80 3.63 -13.42
CA ALA B 26 -22.01 3.34 -12.00
C ALA B 26 -22.61 4.54 -11.30
N PHE B 27 -21.98 5.69 -11.48
CA PHE B 27 -22.41 6.94 -10.86
C PHE B 27 -23.77 7.39 -11.32
N ALA B 28 -24.04 7.23 -12.61
CA ALA B 28 -25.33 7.62 -13.15
C ALA B 28 -26.41 6.73 -12.58
N GLN B 29 -26.04 5.52 -12.16
CA GLN B 29 -27.02 4.60 -11.61
C GLN B 29 -27.25 4.79 -10.11
N TYR B 30 -26.25 5.34 -9.42
CA TYR B 30 -26.38 5.55 -7.98
C TYR B 30 -27.04 6.89 -7.68
N LEU B 31 -26.76 7.88 -8.52
CA LEU B 31 -27.34 9.20 -8.34
C LEU B 31 -27.97 9.61 -9.66
N GLN B 32 -29.13 9.03 -9.93
CA GLN B 32 -29.88 9.26 -11.16
C GLN B 32 -30.36 10.69 -11.37
N GLN B 33 -30.54 11.44 -10.28
CA GLN B 33 -31.06 12.80 -10.37
C GLN B 33 -30.03 13.91 -10.64
N CYS B 34 -28.75 13.67 -10.32
CA CYS B 34 -27.70 14.67 -10.54
C CYS B 34 -27.41 14.95 -12.02
N PRO B 35 -26.83 16.13 -12.32
CA PRO B 35 -26.48 16.59 -13.67
C PRO B 35 -25.29 15.87 -14.31
N PHE B 36 -25.31 15.83 -15.63
CA PHE B 36 -24.26 15.19 -16.40
C PHE B 36 -22.89 15.82 -16.12
N GLU B 37 -22.86 17.16 -16.10
CA GLU B 37 -21.62 17.90 -15.86
C GLU B 37 -20.99 17.37 -14.57
N ASP B 38 -21.77 17.39 -13.48
CA ASP B 38 -21.33 16.93 -12.17
C ASP B 38 -20.80 15.50 -12.14
N HIS B 39 -21.39 14.61 -12.94
CA HIS B 39 -20.94 13.22 -12.95
C HIS B 39 -19.61 13.07 -13.69
N VAL B 40 -19.51 13.61 -14.89
CA VAL B 40 -18.27 13.51 -15.67
C VAL B 40 -17.11 14.05 -14.85
N LYS B 41 -17.36 15.15 -14.15
CA LYS B 41 -16.32 15.75 -13.32
C LYS B 41 -15.81 14.71 -12.32
N LEU B 42 -16.75 14.08 -11.62
CA LEU B 42 -16.38 13.06 -10.64
C LEU B 42 -15.70 11.88 -11.29
N VAL B 43 -16.14 11.52 -12.50
CA VAL B 43 -15.53 10.41 -13.22
C VAL B 43 -14.06 10.66 -13.55
N ASN B 44 -13.78 11.80 -14.16
CA ASN B 44 -12.42 12.17 -14.51
C ASN B 44 -11.49 12.18 -13.29
N GLU B 45 -11.95 12.80 -12.21
CA GLU B 45 -11.17 12.85 -11.00
C GLU B 45 -10.81 11.42 -10.53
N VAL B 46 -11.75 10.49 -10.64
CA VAL B 46 -11.47 9.12 -10.23
C VAL B 46 -10.43 8.51 -11.16
N THR B 47 -10.51 8.82 -12.45
CA THR B 47 -9.57 8.27 -13.41
C THR B 47 -8.18 8.87 -13.17
N GLU B 48 -8.16 10.17 -12.85
CA GLU B 48 -6.92 10.87 -12.59
C GLU B 48 -6.30 10.24 -11.35
N PHE B 49 -7.15 9.64 -10.51
CA PHE B 49 -6.72 8.99 -9.28
C PHE B 49 -6.33 7.54 -9.57
N ALA B 50 -6.91 6.99 -10.62
CA ALA B 50 -6.65 5.62 -11.02
C ALA B 50 -5.23 5.44 -11.54
N LYS B 51 -4.78 6.39 -12.35
CA LYS B 51 -3.44 6.35 -12.93
C LYS B 51 -2.32 6.45 -11.89
N THR B 52 -2.49 7.34 -10.91
CA THR B 52 -1.48 7.50 -9.87
C THR B 52 -1.44 6.28 -8.96
N CYS B 53 -2.24 5.27 -9.29
CA CYS B 53 -2.29 4.05 -8.51
C CYS B 53 -1.76 2.88 -9.32
N VAL B 54 -1.98 2.93 -10.62
CA VAL B 54 -1.56 1.87 -11.54
C VAL B 54 -0.13 1.39 -11.34
N ALA B 55 0.83 2.11 -11.93
CA ALA B 55 2.24 1.75 -11.79
C ALA B 55 2.71 2.18 -10.41
N ASP B 56 2.27 3.37 -10.00
CA ASP B 56 2.64 3.91 -8.71
C ASP B 56 1.81 3.23 -7.63
N GLU B 57 2.35 2.13 -7.09
CA GLU B 57 1.68 1.35 -6.07
C GLU B 57 1.36 2.20 -4.83
N SER B 58 1.20 1.52 -3.69
CA SER B 58 0.89 2.15 -2.42
C SER B 58 1.06 3.66 -2.42
N ALA B 59 -0.01 4.36 -2.77
CA ALA B 59 0.01 5.81 -2.80
C ALA B 59 -0.92 6.35 -1.72
N GLU B 60 -1.56 7.48 -1.98
CA GLU B 60 -2.47 8.09 -1.01
C GLU B 60 -3.50 7.10 -0.45
N ASN B 61 -4.50 6.76 -1.26
CA ASN B 61 -5.54 5.83 -0.82
C ASN B 61 -5.69 4.65 -1.78
N CYS B 62 -4.65 4.36 -2.53
CA CYS B 62 -4.70 3.25 -3.48
C CYS B 62 -4.87 1.90 -2.79
N ASP B 63 -5.04 1.92 -1.47
CA ASP B 63 -5.21 0.68 -0.73
C ASP B 63 -6.69 0.44 -0.42
N LYS B 64 -7.46 1.52 -0.42
CA LYS B 64 -8.88 1.44 -0.13
C LYS B 64 -9.61 0.54 -1.15
N SER B 65 -10.90 0.35 -0.92
CA SER B 65 -11.71 -0.48 -1.80
C SER B 65 -12.53 0.39 -2.74
N LEU B 66 -13.08 -0.22 -3.77
CA LEU B 66 -13.89 0.51 -4.74
C LEU B 66 -15.06 1.20 -4.06
N HIS B 67 -15.86 0.44 -3.30
CA HIS B 67 -17.01 1.01 -2.62
C HIS B 67 -16.66 2.29 -1.88
N THR B 68 -15.62 2.20 -1.04
CA THR B 68 -15.18 3.35 -0.27
C THR B 68 -14.88 4.54 -1.20
N LEU B 69 -13.90 4.37 -2.08
CA LEU B 69 -13.53 5.44 -3.02
C LEU B 69 -14.74 6.05 -3.71
N PHE B 70 -15.48 5.22 -4.45
CA PHE B 70 -16.66 5.67 -5.17
C PHE B 70 -17.66 6.29 -4.19
N GLY B 71 -17.71 5.74 -2.98
CA GLY B 71 -18.62 6.24 -1.98
C GLY B 71 -18.36 7.68 -1.58
N ASP B 72 -17.10 7.97 -1.27
CA ASP B 72 -16.70 9.32 -0.87
C ASP B 72 -16.90 10.34 -1.99
N LYS B 73 -16.56 9.95 -3.21
CA LYS B 73 -16.70 10.85 -4.34
C LYS B 73 -18.14 11.36 -4.48
N LEU B 74 -19.09 10.43 -4.53
CA LEU B 74 -20.49 10.80 -4.68
C LEU B 74 -20.98 11.68 -3.54
N CYS B 75 -20.56 11.36 -2.32
CA CYS B 75 -20.96 12.12 -1.14
C CYS B 75 -20.49 13.58 -1.13
N THR B 76 -19.88 14.03 -2.22
CA THR B 76 -19.41 15.42 -2.31
C THR B 76 -20.50 16.29 -2.94
N ASP B 89 -28.59 10.86 4.18
CA ASP B 89 -28.80 9.66 4.99
C ASP B 89 -27.70 8.66 4.69
N CYS B 90 -27.67 8.22 3.44
CA CYS B 90 -26.70 7.24 2.99
C CYS B 90 -25.27 7.58 3.33
N CYS B 91 -24.86 8.81 3.04
CA CYS B 91 -23.49 9.23 3.31
C CYS B 91 -23.17 9.29 4.80
N ALA B 92 -24.18 9.59 5.62
CA ALA B 92 -23.98 9.66 7.06
C ALA B 92 -23.49 8.32 7.59
N LYS B 93 -23.63 7.26 6.79
CA LYS B 93 -23.21 5.93 7.19
C LYS B 93 -21.83 5.58 6.64
N GLN B 94 -21.37 4.37 6.96
CA GLN B 94 -20.07 3.88 6.51
C GLN B 94 -20.25 2.48 5.90
N GLU B 95 -19.44 2.18 4.89
CA GLU B 95 -19.51 0.89 4.22
C GLU B 95 -19.51 -0.28 5.22
N PRO B 96 -20.32 -1.32 4.95
CA PRO B 96 -21.16 -1.53 3.76
C PRO B 96 -22.49 -0.78 3.89
N GLU B 97 -22.81 -0.34 5.11
CA GLU B 97 -24.04 0.38 5.34
C GLU B 97 -24.23 1.49 4.30
N ARG B 98 -23.20 2.31 4.13
CA ARG B 98 -23.26 3.42 3.18
C ARG B 98 -23.62 2.89 1.79
N ASN B 99 -22.90 1.86 1.32
CA ASN B 99 -23.14 1.30 -0.01
C ASN B 99 -24.56 0.81 -0.27
N GLU B 100 -24.95 -0.29 0.39
CA GLU B 100 -26.27 -0.85 0.18
C GLU B 100 -27.38 0.14 0.46
N CYS B 101 -27.00 1.31 0.96
CA CYS B 101 -27.97 2.36 1.22
C CYS B 101 -28.27 2.98 -0.13
N PHE B 102 -27.23 3.09 -0.97
CA PHE B 102 -27.38 3.64 -2.32
C PHE B 102 -28.18 2.64 -3.14
N LEU B 103 -27.77 1.37 -3.08
CA LEU B 103 -28.42 0.29 -3.81
C LEU B 103 -29.92 0.22 -3.56
N GLN B 104 -30.30 0.13 -2.29
CA GLN B 104 -31.71 0.06 -1.91
C GLN B 104 -32.42 1.36 -2.22
N HIS B 105 -31.69 2.31 -2.81
CA HIS B 105 -32.24 3.62 -3.13
C HIS B 105 -32.41 3.87 -4.64
N LYS B 106 -32.09 2.86 -5.44
CA LYS B 106 -32.22 2.99 -6.88
C LYS B 106 -33.68 3.18 -7.20
N ASP B 107 -33.97 3.82 -8.32
CA ASP B 107 -35.36 4.07 -8.69
C ASP B 107 -35.63 3.45 -10.04
N ASP B 108 -36.49 2.43 -10.07
CA ASP B 108 -36.84 1.75 -11.31
C ASP B 108 -37.72 2.64 -12.20
N ASN B 109 -38.43 3.60 -11.60
CA ASN B 109 -39.29 4.49 -12.37
C ASN B 109 -39.03 5.97 -11.99
N PRO B 110 -37.80 6.46 -12.26
CA PRO B 110 -37.40 7.84 -11.94
C PRO B 110 -38.22 8.89 -12.68
N ASN B 111 -38.45 10.03 -12.01
CA ASN B 111 -39.22 11.10 -12.62
C ASN B 111 -38.29 12.03 -13.38
N LEU B 112 -37.88 11.64 -14.59
CA LEU B 112 -37.01 12.48 -15.41
C LEU B 112 -37.76 12.87 -16.67
N PRO B 113 -37.40 14.01 -17.28
CA PRO B 113 -38.06 14.45 -18.51
C PRO B 113 -37.85 13.45 -19.62
N ARG B 114 -38.92 13.13 -20.34
CA ARG B 114 -38.84 12.19 -21.43
C ARG B 114 -37.66 12.59 -22.33
N LEU B 115 -37.07 11.61 -23.00
CA LEU B 115 -35.94 11.87 -23.89
C LEU B 115 -36.40 12.10 -25.32
N VAL B 116 -36.34 13.35 -25.78
CA VAL B 116 -36.75 13.70 -27.14
C VAL B 116 -35.56 13.73 -28.09
N ARG B 117 -35.67 13.01 -29.21
CA ARG B 117 -34.59 12.98 -30.18
C ARG B 117 -34.72 14.12 -31.18
N PRO B 118 -33.88 15.17 -31.06
CA PRO B 118 -33.92 16.32 -31.97
C PRO B 118 -33.75 15.93 -33.44
N GLU B 119 -33.65 16.94 -34.31
CA GLU B 119 -33.49 16.71 -35.74
C GLU B 119 -32.19 16.00 -36.08
N VAL B 120 -32.20 15.23 -37.16
CA VAL B 120 -31.02 14.51 -37.60
C VAL B 120 -29.84 15.46 -37.73
N ASP B 121 -30.14 16.72 -38.05
CA ASP B 121 -29.11 17.76 -38.21
C ASP B 121 -28.44 18.07 -36.88
N VAL B 122 -29.27 18.52 -35.95
CA VAL B 122 -28.82 18.90 -34.62
C VAL B 122 -27.85 17.86 -34.07
N MET B 123 -28.31 16.62 -34.01
CA MET B 123 -27.51 15.52 -33.50
C MET B 123 -26.18 15.35 -34.21
N CYS B 124 -26.20 15.28 -35.54
CA CYS B 124 -24.96 15.13 -36.30
C CYS B 124 -24.00 16.27 -36.00
N THR B 125 -24.55 17.46 -35.83
CA THR B 125 -23.73 18.62 -35.52
C THR B 125 -23.05 18.36 -34.18
N ALA B 126 -23.86 18.05 -33.17
CA ALA B 126 -23.38 17.77 -31.82
C ALA B 126 -22.37 16.61 -31.81
N PHE B 127 -22.61 15.61 -32.64
CA PHE B 127 -21.71 14.46 -32.70
C PHE B 127 -20.33 14.86 -33.21
N HIS B 128 -20.28 15.79 -34.15
CA HIS B 128 -19.01 16.23 -34.71
C HIS B 128 -18.26 17.28 -33.91
N ASP B 129 -19.00 18.17 -33.25
CA ASP B 129 -18.39 19.21 -32.44
C ASP B 129 -17.58 18.55 -31.33
N ASN B 130 -18.23 17.69 -30.56
CA ASN B 130 -17.61 16.98 -29.45
C ASN B 130 -18.28 15.60 -29.35
N GLU B 131 -17.75 14.63 -30.08
CA GLU B 131 -18.30 13.29 -30.06
C GLU B 131 -17.92 12.50 -28.82
N GLU B 132 -16.95 13.00 -28.07
CA GLU B 132 -16.52 12.33 -26.85
C GLU B 132 -17.55 12.63 -25.75
N THR B 133 -18.13 13.82 -25.80
CA THR B 133 -19.13 14.22 -24.82
C THR B 133 -20.50 13.72 -25.30
N PHE B 134 -20.57 13.43 -26.59
CA PHE B 134 -21.80 12.95 -27.21
C PHE B 134 -22.14 11.54 -26.72
N LEU B 135 -21.15 10.65 -26.77
CA LEU B 135 -21.34 9.29 -26.32
C LEU B 135 -21.44 9.18 -24.79
N LYS B 136 -20.65 9.97 -24.09
CA LYS B 136 -20.70 9.96 -22.64
C LYS B 136 -22.12 10.33 -22.22
N LYS B 137 -22.73 11.22 -23.00
CA LYS B 137 -24.09 11.67 -22.70
C LYS B 137 -25.07 10.52 -22.94
N TYR B 138 -24.79 9.69 -23.93
CA TYR B 138 -25.63 8.55 -24.24
C TYR B 138 -25.65 7.63 -23.03
N LEU B 139 -24.47 7.17 -22.61
CA LEU B 139 -24.37 6.28 -21.47
C LEU B 139 -25.08 6.85 -20.23
N TYR B 140 -24.71 8.07 -19.84
CA TYR B 140 -25.30 8.72 -18.68
C TYR B 140 -26.82 8.67 -18.76
N GLU B 141 -27.35 9.15 -19.88
CA GLU B 141 -28.78 9.22 -20.09
C GLU B 141 -29.48 7.86 -19.98
N ILE B 142 -28.79 6.81 -20.39
CA ILE B 142 -29.37 5.47 -20.34
C ILE B 142 -29.21 4.84 -18.97
N ALA B 143 -28.01 4.97 -18.41
CA ALA B 143 -27.71 4.40 -17.10
C ALA B 143 -28.64 4.88 -15.99
N ARG B 144 -28.97 6.17 -15.97
CA ARG B 144 -29.81 6.68 -14.90
C ARG B 144 -31.29 6.37 -15.02
N ARG B 145 -31.73 6.08 -16.23
CA ARG B 145 -33.13 5.73 -16.46
C ARG B 145 -33.29 4.23 -16.32
N HIS B 146 -32.16 3.53 -16.32
CA HIS B 146 -32.13 2.07 -16.21
C HIS B 146 -31.02 1.66 -15.24
N PRO B 147 -31.27 1.84 -13.93
CA PRO B 147 -30.33 1.53 -12.84
C PRO B 147 -29.80 0.11 -12.76
N TYR B 148 -30.39 -0.81 -13.53
CA TYR B 148 -29.99 -2.21 -13.49
C TYR B 148 -29.54 -2.73 -14.85
N PHE B 149 -29.40 -1.82 -15.81
CA PHE B 149 -28.95 -2.19 -17.15
C PHE B 149 -27.63 -2.94 -17.02
N TYR B 150 -27.50 -4.04 -17.76
CA TYR B 150 -26.32 -4.89 -17.73
C TYR B 150 -25.12 -4.13 -18.33
N ALA B 151 -24.38 -3.49 -17.45
CA ALA B 151 -23.22 -2.65 -17.78
C ALA B 151 -22.41 -3.04 -19.02
N PRO B 152 -21.77 -4.21 -19.02
CA PRO B 152 -20.99 -4.61 -20.19
C PRO B 152 -21.74 -4.50 -21.50
N GLU B 153 -23.01 -4.91 -21.49
CA GLU B 153 -23.83 -4.85 -22.69
C GLU B 153 -24.03 -3.41 -23.13
N LEU B 154 -24.15 -2.51 -22.17
CA LEU B 154 -24.36 -1.11 -22.49
C LEU B 154 -23.17 -0.54 -23.27
N LEU B 155 -21.97 -1.06 -23.02
CA LEU B 155 -20.79 -0.60 -23.74
C LEU B 155 -20.90 -1.06 -25.18
N PHE B 156 -21.39 -2.27 -25.38
CA PHE B 156 -21.58 -2.79 -26.73
C PHE B 156 -22.63 -1.94 -27.47
N PHE B 157 -23.64 -1.46 -26.74
CA PHE B 157 -24.69 -0.63 -27.34
C PHE B 157 -24.11 0.72 -27.74
N ALA B 158 -23.25 1.26 -26.88
CA ALA B 158 -22.61 2.53 -27.14
C ALA B 158 -21.85 2.43 -28.46
N LYS B 159 -21.08 1.37 -28.63
CA LYS B 159 -20.32 1.16 -29.85
C LYS B 159 -21.27 1.22 -31.05
N ARG B 160 -22.29 0.37 -31.06
CA ARG B 160 -23.23 0.37 -32.18
C ARG B 160 -23.79 1.77 -32.41
N TYR B 161 -24.07 2.47 -31.31
CA TYR B 161 -24.61 3.82 -31.36
C TYR B 161 -23.66 4.73 -32.13
N LYS B 162 -22.37 4.62 -31.82
CA LYS B 162 -21.35 5.42 -32.46
C LYS B 162 -21.28 5.14 -33.96
N ALA B 163 -21.14 3.87 -34.32
CA ALA B 163 -21.06 3.47 -35.72
C ALA B 163 -22.31 3.90 -36.48
N ALA B 164 -23.36 4.24 -35.74
CA ALA B 164 -24.61 4.67 -36.38
C ALA B 164 -24.41 6.09 -36.91
N PHE B 165 -23.98 6.99 -36.04
CA PHE B 165 -23.77 8.37 -36.44
C PHE B 165 -22.67 8.48 -37.49
N THR B 166 -21.56 7.76 -37.28
CA THR B 166 -20.46 7.78 -38.23
C THR B 166 -20.95 7.49 -39.65
N GLU B 167 -21.69 6.40 -39.81
CA GLU B 167 -22.22 6.04 -41.13
C GLU B 167 -23.24 7.05 -41.67
N CYS B 168 -24.30 7.29 -40.90
CA CYS B 168 -25.36 8.20 -41.33
C CYS B 168 -25.07 9.70 -41.47
N CYS B 169 -24.24 10.27 -40.61
CA CYS B 169 -23.97 11.72 -40.69
C CYS B 169 -23.17 12.16 -41.91
N GLN B 170 -23.02 11.26 -42.87
CA GLN B 170 -22.28 11.54 -44.10
C GLN B 170 -23.03 10.88 -45.26
N ALA B 171 -24.36 10.92 -45.19
CA ALA B 171 -25.22 10.32 -46.21
C ALA B 171 -26.15 11.34 -46.85
N ALA B 172 -26.49 11.12 -48.12
CA ALA B 172 -27.37 12.01 -48.84
C ALA B 172 -28.60 12.33 -47.98
N ASP B 173 -29.23 11.27 -47.47
CA ASP B 173 -30.40 11.42 -46.61
C ASP B 173 -30.06 10.86 -45.23
N LYS B 174 -29.34 11.67 -44.45
CA LYS B 174 -28.93 11.28 -43.10
C LYS B 174 -30.14 10.79 -42.29
N ALA B 175 -31.23 11.53 -42.38
CA ALA B 175 -32.46 11.19 -41.65
C ALA B 175 -32.88 9.75 -41.91
N ALA B 176 -33.26 9.45 -43.14
CA ALA B 176 -33.71 8.12 -43.51
C ALA B 176 -32.68 7.03 -43.24
N CYS B 177 -31.50 7.43 -42.78
CA CYS B 177 -30.43 6.48 -42.48
C CYS B 177 -30.29 6.23 -40.98
N LEU B 178 -30.41 7.30 -40.18
CA LEU B 178 -30.27 7.19 -38.73
C LEU B 178 -31.56 6.76 -38.01
N LEU B 179 -32.67 7.44 -38.30
CA LEU B 179 -33.94 7.12 -37.66
C LEU B 179 -34.19 5.61 -37.47
N PRO B 180 -34.04 4.80 -38.54
CA PRO B 180 -34.26 3.35 -38.45
C PRO B 180 -33.21 2.66 -37.60
N LYS B 181 -31.97 3.14 -37.69
CA LYS B 181 -30.86 2.57 -36.92
C LYS B 181 -31.03 2.86 -35.44
N LEU B 182 -31.41 4.10 -35.13
CA LEU B 182 -31.62 4.53 -33.75
C LEU B 182 -32.82 3.83 -33.11
N ASP B 183 -33.90 3.70 -33.86
CA ASP B 183 -35.10 3.06 -33.36
C ASP B 183 -34.81 1.61 -32.96
N GLU B 184 -34.16 0.86 -33.84
CA GLU B 184 -33.84 -0.53 -33.57
C GLU B 184 -32.96 -0.69 -32.34
N LEU B 185 -32.25 0.38 -31.97
CA LEU B 185 -31.40 0.30 -30.79
C LEU B 185 -32.21 0.67 -29.56
N ARG B 186 -33.21 1.54 -29.73
CA ARG B 186 -34.06 1.93 -28.61
C ARG B 186 -34.79 0.70 -28.07
N ASP B 187 -35.46 -0.01 -28.97
CA ASP B 187 -36.22 -1.20 -28.60
C ASP B 187 -35.36 -2.31 -27.99
N GLU B 188 -34.31 -2.68 -28.70
CA GLU B 188 -33.40 -3.72 -28.27
C GLU B 188 -32.80 -3.38 -26.91
N GLY B 189 -32.62 -2.09 -26.66
CA GLY B 189 -32.07 -1.68 -25.39
C GLY B 189 -33.11 -1.83 -24.29
N LYS B 190 -34.36 -1.56 -24.63
CA LYS B 190 -35.42 -1.67 -23.66
C LYS B 190 -35.62 -3.14 -23.25
N ALA B 191 -35.43 -4.03 -24.22
CA ALA B 191 -35.59 -5.47 -23.97
C ALA B 191 -34.43 -5.98 -23.12
N SER B 192 -33.24 -5.51 -23.43
CA SER B 192 -32.03 -5.91 -22.72
C SER B 192 -32.18 -5.52 -21.26
N SER B 193 -32.62 -4.30 -21.03
CA SER B 193 -32.81 -3.78 -19.68
C SER B 193 -33.79 -4.64 -18.87
N ALA B 194 -34.87 -5.06 -19.53
CA ALA B 194 -35.89 -5.86 -18.87
C ALA B 194 -35.35 -7.24 -18.47
N LYS B 195 -34.71 -7.93 -19.41
CA LYS B 195 -34.12 -9.24 -19.15
C LYS B 195 -33.20 -9.17 -17.94
N GLN B 196 -32.35 -8.14 -17.89
CA GLN B 196 -31.43 -8.02 -16.77
C GLN B 196 -32.16 -7.77 -15.47
N ARG B 197 -33.18 -6.92 -15.49
CA ARG B 197 -33.93 -6.63 -14.27
C ARG B 197 -34.51 -7.91 -13.68
N LEU B 198 -34.89 -8.84 -14.55
CA LEU B 198 -35.43 -10.09 -14.03
C LEU B 198 -34.35 -10.87 -13.29
N LYS B 199 -33.13 -10.84 -13.84
CA LYS B 199 -32.01 -11.57 -13.24
C LYS B 199 -31.69 -11.02 -11.88
N CYS B 200 -31.64 -9.70 -11.79
CA CYS B 200 -31.36 -9.06 -10.52
C CYS B 200 -32.48 -9.31 -9.53
N ALA B 201 -33.74 -9.18 -9.98
CA ALA B 201 -34.89 -9.41 -9.08
C ALA B 201 -34.82 -10.81 -8.49
N SER B 202 -34.52 -11.77 -9.36
CA SER B 202 -34.41 -13.16 -8.93
C SER B 202 -33.37 -13.33 -7.84
N LEU B 203 -32.19 -12.76 -8.08
CA LEU B 203 -31.12 -12.88 -7.12
C LEU B 203 -31.47 -12.27 -5.80
N GLN B 204 -31.95 -11.04 -5.86
CA GLN B 204 -32.28 -10.30 -4.67
C GLN B 204 -33.49 -10.78 -3.88
N LYS B 205 -34.60 -11.04 -4.57
CA LYS B 205 -35.82 -11.44 -3.89
C LYS B 205 -35.92 -12.94 -3.60
N PHE B 206 -35.48 -13.78 -4.54
CA PHE B 206 -35.57 -15.22 -4.36
C PHE B 206 -34.31 -15.98 -3.96
N GLY B 207 -33.15 -15.38 -4.11
CA GLY B 207 -31.97 -16.09 -3.70
C GLY B 207 -31.18 -16.79 -4.78
N GLU B 208 -29.93 -17.02 -4.46
CA GLU B 208 -29.00 -17.66 -5.36
C GLU B 208 -29.53 -18.99 -5.89
N ARG B 209 -30.09 -19.80 -5.01
CA ARG B 209 -30.59 -21.11 -5.42
C ARG B 209 -31.64 -21.02 -6.53
N ALA B 210 -32.43 -19.95 -6.55
CA ALA B 210 -33.43 -19.80 -7.60
C ALA B 210 -32.73 -19.40 -8.91
N PHE B 211 -31.75 -18.50 -8.85
CA PHE B 211 -31.07 -18.08 -10.06
C PHE B 211 -30.34 -19.23 -10.71
N LYS B 212 -29.70 -20.06 -9.89
CA LYS B 212 -28.94 -21.20 -10.41
C LYS B 212 -29.83 -22.21 -11.14
N ALA B 213 -31.03 -22.48 -10.63
CA ALA B 213 -31.91 -23.43 -11.31
C ALA B 213 -32.33 -22.90 -12.67
N TRP B 214 -32.59 -21.60 -12.74
CA TRP B 214 -32.95 -20.98 -14.02
C TRP B 214 -31.77 -21.18 -15.01
N ALA B 215 -30.55 -20.84 -14.58
CA ALA B 215 -29.37 -20.98 -15.43
C ALA B 215 -29.12 -22.43 -15.84
N VAL B 216 -29.15 -23.33 -14.86
CA VAL B 216 -28.93 -24.73 -15.16
C VAL B 216 -29.84 -25.16 -16.29
N ALA B 217 -31.12 -24.86 -16.14
CA ALA B 217 -32.11 -25.25 -17.16
C ALA B 217 -31.90 -24.54 -18.46
N ARG B 218 -31.67 -23.24 -18.41
CA ARG B 218 -31.46 -22.50 -19.63
C ARG B 218 -30.23 -22.95 -20.40
N LEU B 219 -29.09 -23.09 -19.72
CA LEU B 219 -27.86 -23.48 -20.39
C LEU B 219 -27.91 -24.91 -20.90
N SER B 220 -28.63 -25.78 -20.19
CA SER B 220 -28.77 -27.19 -20.60
C SER B 220 -29.54 -27.29 -21.89
N GLN B 221 -30.39 -26.28 -22.14
CA GLN B 221 -31.15 -26.25 -23.39
C GLN B 221 -30.23 -25.82 -24.54
N ARG B 222 -29.45 -24.78 -24.27
CA ARG B 222 -28.53 -24.22 -25.23
C ARG B 222 -27.33 -25.12 -25.52
N PHE B 223 -26.84 -25.80 -24.50
CA PHE B 223 -25.67 -26.66 -24.64
C PHE B 223 -26.02 -28.10 -24.30
N PRO B 224 -26.96 -28.70 -25.03
CA PRO B 224 -27.43 -30.08 -24.83
C PRO B 224 -26.31 -31.11 -24.80
N LYS B 225 -25.19 -30.79 -25.44
CA LYS B 225 -24.07 -31.72 -25.50
C LYS B 225 -23.16 -31.67 -24.30
N ALA B 226 -23.07 -30.51 -23.65
CA ALA B 226 -22.20 -30.37 -22.48
C ALA B 226 -22.55 -31.35 -21.36
N GLU B 227 -21.54 -31.76 -20.61
CA GLU B 227 -21.72 -32.67 -19.48
C GLU B 227 -22.25 -31.87 -18.30
N PHE B 228 -22.97 -32.54 -17.40
CA PHE B 228 -23.53 -31.87 -16.24
C PHE B 228 -22.51 -31.07 -15.43
N ALA B 229 -21.28 -31.57 -15.34
CA ALA B 229 -20.24 -30.89 -14.58
C ALA B 229 -19.78 -29.60 -15.27
N GLU B 230 -19.85 -29.58 -16.59
CA GLU B 230 -19.44 -28.41 -17.35
C GLU B 230 -20.46 -27.29 -17.13
N VAL B 231 -21.73 -27.63 -17.34
CA VAL B 231 -22.83 -26.68 -17.15
C VAL B 231 -22.74 -26.07 -15.75
N SER B 232 -22.65 -26.92 -14.73
CA SER B 232 -22.57 -26.47 -13.35
C SER B 232 -21.46 -25.46 -13.18
N LYS B 233 -20.33 -25.72 -13.84
CA LYS B 233 -19.17 -24.82 -13.78
C LYS B 233 -19.54 -23.47 -14.40
N LEU B 234 -20.19 -23.53 -15.55
CA LEU B 234 -20.60 -22.32 -16.23
C LEU B 234 -21.58 -21.54 -15.35
N VAL B 235 -22.57 -22.23 -14.80
CA VAL B 235 -23.58 -21.61 -13.94
C VAL B 235 -22.93 -20.86 -12.78
N THR B 236 -22.01 -21.51 -12.10
CA THR B 236 -21.34 -20.89 -10.96
C THR B 236 -20.66 -19.57 -11.34
N ASP B 237 -20.07 -19.53 -12.52
CA ASP B 237 -19.39 -18.32 -12.95
C ASP B 237 -20.41 -17.28 -13.35
N LEU B 238 -21.34 -17.69 -14.18
CA LEU B 238 -22.40 -16.82 -14.64
C LEU B 238 -23.14 -16.20 -13.46
N THR B 239 -23.27 -16.97 -12.37
CA THR B 239 -23.94 -16.49 -11.18
C THR B 239 -23.15 -15.39 -10.48
N LYS B 240 -21.83 -15.51 -10.46
CA LYS B 240 -20.95 -14.51 -9.84
C LYS B 240 -21.03 -13.20 -10.61
N VAL B 241 -20.95 -13.32 -11.93
CA VAL B 241 -21.00 -12.17 -12.81
C VAL B 241 -22.23 -11.32 -12.52
N HIS B 242 -23.41 -11.93 -12.68
CA HIS B 242 -24.66 -11.20 -12.46
C HIS B 242 -24.84 -10.75 -11.03
N THR B 243 -24.26 -11.50 -10.10
CA THR B 243 -24.39 -11.11 -8.70
C THR B 243 -23.62 -9.79 -8.55
N GLU B 244 -22.48 -9.69 -9.23
CA GLU B 244 -21.70 -8.47 -9.17
C GLU B 244 -22.38 -7.31 -9.91
N CYS B 245 -22.76 -7.51 -11.16
CA CYS B 245 -23.43 -6.44 -11.87
C CYS B 245 -24.66 -5.93 -11.11
N CYS B 246 -25.52 -6.85 -10.68
CA CYS B 246 -26.74 -6.46 -9.97
C CYS B 246 -26.49 -5.71 -8.67
N HIS B 247 -25.41 -6.03 -7.98
CA HIS B 247 -25.10 -5.36 -6.71
C HIS B 247 -24.27 -4.07 -6.84
N GLY B 248 -23.97 -3.68 -8.07
CA GLY B 248 -23.19 -2.48 -8.29
C GLY B 248 -21.69 -2.63 -8.53
N ASP B 249 -21.15 -3.83 -8.38
CA ASP B 249 -19.72 -4.05 -8.60
C ASP B 249 -19.52 -4.21 -10.10
N LEU B 250 -19.74 -3.11 -10.81
CA LEU B 250 -19.65 -3.07 -12.26
C LEU B 250 -18.32 -3.41 -12.90
N LEU B 251 -17.22 -2.96 -12.31
CA LEU B 251 -15.91 -3.27 -12.89
C LEU B 251 -15.66 -4.76 -12.82
N GLU B 252 -15.87 -5.35 -11.64
CA GLU B 252 -15.68 -6.79 -11.43
C GLU B 252 -16.51 -7.60 -12.42
N CYS B 253 -17.78 -7.20 -12.56
CA CYS B 253 -18.73 -7.83 -13.47
C CYS B 253 -18.20 -7.86 -14.88
N ALA B 254 -17.72 -6.71 -15.34
CA ALA B 254 -17.18 -6.60 -16.70
C ALA B 254 -15.93 -7.46 -16.84
N ASP B 255 -15.07 -7.40 -15.84
CA ASP B 255 -13.84 -8.19 -15.90
C ASP B 255 -14.20 -9.67 -15.90
N ASP B 256 -15.03 -10.08 -14.94
CA ASP B 256 -15.44 -11.47 -14.81
C ASP B 256 -16.22 -11.94 -16.01
N ARG B 257 -16.92 -11.03 -16.67
CA ARG B 257 -17.68 -11.44 -17.83
C ARG B 257 -16.72 -11.78 -18.97
N ALA B 258 -15.69 -10.96 -19.13
CA ALA B 258 -14.70 -11.15 -20.18
C ALA B 258 -14.01 -12.50 -20.04
N ASP B 259 -13.56 -12.80 -18.82
CA ASP B 259 -12.90 -14.06 -18.52
C ASP B 259 -13.78 -15.25 -18.96
N LEU B 260 -15.05 -15.23 -18.58
CA LEU B 260 -15.95 -16.31 -18.94
C LEU B 260 -16.15 -16.44 -20.43
N ALA B 261 -16.04 -15.32 -21.15
CA ALA B 261 -16.17 -15.36 -22.61
C ALA B 261 -14.89 -15.96 -23.18
N LYS B 262 -13.78 -15.73 -22.49
CA LYS B 262 -12.49 -16.25 -22.92
C LYS B 262 -12.51 -17.75 -22.68
N TYR B 263 -12.97 -18.14 -21.49
CA TYR B 263 -13.05 -19.55 -21.11
C TYR B 263 -13.87 -20.35 -22.10
N ILE B 264 -15.13 -19.95 -22.27
CA ILE B 264 -16.04 -20.65 -23.16
C ILE B 264 -15.48 -20.91 -24.56
N CYS B 265 -14.85 -19.89 -25.14
CA CYS B 265 -14.28 -20.04 -26.47
C CYS B 265 -13.13 -21.04 -26.47
N GLU B 266 -12.34 -21.04 -25.41
CA GLU B 266 -11.21 -21.95 -25.30
C GLU B 266 -11.66 -23.41 -25.21
N ASN B 267 -12.92 -23.63 -24.83
CA ASN B 267 -13.45 -24.99 -24.71
C ASN B 267 -14.68 -25.22 -25.55
N GLN B 268 -14.72 -24.57 -26.71
CA GLN B 268 -15.84 -24.68 -27.65
C GLN B 268 -16.37 -26.10 -27.88
N ASP B 269 -15.51 -26.99 -28.38
CA ASP B 269 -15.91 -28.37 -28.66
C ASP B 269 -16.56 -29.11 -27.48
N SER B 270 -16.22 -28.70 -26.26
CA SER B 270 -16.79 -29.34 -25.06
C SER B 270 -18.11 -28.72 -24.59
N ILE B 271 -18.53 -27.65 -25.25
CA ILE B 271 -19.74 -26.94 -24.87
C ILE B 271 -20.80 -26.89 -25.98
N SER B 272 -20.50 -26.15 -27.04
CA SER B 272 -21.44 -26.02 -28.16
C SER B 272 -20.72 -25.91 -29.48
N SER B 273 -21.42 -26.24 -30.56
CA SER B 273 -20.84 -26.18 -31.90
C SER B 273 -21.31 -24.94 -32.66
N LYS B 274 -22.21 -24.16 -32.06
CA LYS B 274 -22.70 -22.97 -32.73
C LYS B 274 -21.97 -21.73 -32.22
N LEU B 275 -20.90 -21.96 -31.45
CA LEU B 275 -20.12 -20.87 -30.89
C LEU B 275 -19.03 -20.33 -31.84
N LYS B 276 -18.57 -21.17 -32.76
CA LYS B 276 -17.52 -20.79 -33.71
C LYS B 276 -17.55 -19.32 -34.14
N GLU B 277 -18.58 -18.96 -34.92
CA GLU B 277 -18.74 -17.59 -35.40
C GLU B 277 -18.45 -16.57 -34.30
N CYS B 278 -19.22 -16.65 -33.23
CA CYS B 278 -19.06 -15.75 -32.09
C CYS B 278 -17.61 -15.51 -31.71
N CYS B 279 -16.95 -16.58 -31.28
CA CYS B 279 -15.58 -16.53 -30.83
C CYS B 279 -14.54 -15.85 -31.73
N GLU B 280 -14.91 -15.54 -32.96
CA GLU B 280 -13.96 -14.87 -33.86
C GLU B 280 -13.92 -13.37 -33.55
N LYS B 281 -15.09 -12.78 -33.42
CA LYS B 281 -15.30 -11.35 -33.14
C LYS B 281 -14.49 -10.76 -31.96
N PRO B 282 -14.54 -9.42 -31.77
CA PRO B 282 -13.84 -8.69 -30.70
C PRO B 282 -14.59 -8.80 -29.37
N LEU B 283 -13.87 -8.59 -28.27
CA LEU B 283 -14.41 -8.71 -26.92
C LEU B 283 -15.90 -8.48 -26.75
N LEU B 284 -16.35 -7.24 -26.94
CA LEU B 284 -17.75 -6.91 -26.78
C LEU B 284 -18.69 -7.74 -27.62
N GLU B 285 -18.48 -7.75 -28.93
CA GLU B 285 -19.34 -8.52 -29.83
C GLU B 285 -19.26 -9.99 -29.45
N LYS B 286 -18.10 -10.40 -28.94
CA LYS B 286 -17.89 -11.79 -28.53
C LYS B 286 -18.86 -12.20 -27.44
N SER B 287 -18.84 -11.47 -26.33
CA SER B 287 -19.70 -11.74 -25.19
C SER B 287 -21.19 -11.65 -25.55
N HIS B 288 -21.55 -10.56 -26.20
CA HIS B 288 -22.93 -10.35 -26.61
C HIS B 288 -23.43 -11.51 -27.47
N CYS B 289 -22.57 -11.98 -28.35
CA CYS B 289 -22.88 -13.07 -29.27
C CYS B 289 -23.13 -14.40 -28.55
N ILE B 290 -22.25 -14.71 -27.61
CA ILE B 290 -22.35 -15.95 -26.85
C ILE B 290 -23.66 -16.04 -26.08
N ALA B 291 -24.07 -14.93 -25.48
CA ALA B 291 -25.28 -14.87 -24.67
C ALA B 291 -26.58 -14.95 -25.46
N GLU B 292 -26.49 -14.88 -26.78
CA GLU B 292 -27.68 -14.94 -27.63
C GLU B 292 -27.56 -16.05 -28.68
N VAL B 293 -26.61 -16.96 -28.44
CA VAL B 293 -26.35 -18.07 -29.35
C VAL B 293 -27.45 -19.10 -29.36
N GLU B 294 -27.83 -19.54 -30.55
CA GLU B 294 -28.87 -20.54 -30.69
C GLU B 294 -28.48 -21.84 -30.00
N ASN B 295 -29.47 -22.68 -29.75
CA ASN B 295 -29.24 -23.96 -29.08
C ASN B 295 -28.50 -24.91 -29.99
N ASP B 296 -27.74 -25.80 -29.39
CA ASP B 296 -26.97 -26.77 -30.15
C ASP B 296 -27.89 -27.95 -30.44
N GLU B 297 -27.62 -28.67 -31.53
CA GLU B 297 -28.42 -29.82 -31.90
C GLU B 297 -28.45 -30.78 -30.73
N MET B 298 -29.50 -31.59 -30.67
CA MET B 298 -29.64 -32.55 -29.58
C MET B 298 -28.90 -33.88 -29.80
N PRO B 299 -28.15 -34.33 -28.78
CA PRO B 299 -27.40 -35.58 -28.86
C PRO B 299 -28.25 -36.71 -29.39
N ALA B 300 -27.66 -37.49 -30.29
CA ALA B 300 -28.33 -38.60 -30.96
C ALA B 300 -29.16 -39.55 -30.09
N ASP B 301 -28.52 -40.58 -29.55
CA ASP B 301 -29.23 -41.56 -28.76
C ASP B 301 -29.20 -41.34 -27.25
N LEU B 302 -30.17 -40.59 -26.74
CA LEU B 302 -30.27 -40.30 -25.32
C LEU B 302 -31.22 -41.26 -24.63
N PRO B 303 -30.75 -41.91 -23.55
CA PRO B 303 -31.60 -42.85 -22.82
C PRO B 303 -32.85 -42.18 -22.26
N SER B 304 -33.91 -42.96 -22.09
CA SER B 304 -35.15 -42.42 -21.54
C SER B 304 -34.82 -41.94 -20.13
N LEU B 305 -35.67 -41.08 -19.57
CA LEU B 305 -35.44 -40.55 -18.23
C LEU B 305 -35.95 -41.44 -17.10
N ALA B 306 -37.08 -42.09 -17.33
CA ALA B 306 -37.68 -42.95 -16.32
C ALA B 306 -36.70 -43.99 -15.78
N ALA B 307 -35.77 -44.43 -16.63
CA ALA B 307 -34.80 -45.44 -16.20
C ALA B 307 -34.08 -45.06 -14.91
N ASP B 308 -33.45 -43.87 -14.88
CA ASP B 308 -32.72 -43.43 -13.69
C ASP B 308 -33.48 -42.61 -12.68
N PHE B 309 -34.65 -42.10 -13.06
CA PHE B 309 -35.40 -41.27 -12.14
C PHE B 309 -36.75 -41.79 -11.69
N VAL B 310 -37.26 -42.84 -12.33
CA VAL B 310 -38.54 -43.38 -11.94
C VAL B 310 -38.48 -44.86 -11.63
N GLU B 311 -37.86 -45.62 -12.53
CA GLU B 311 -37.74 -47.06 -12.37
C GLU B 311 -36.68 -47.45 -11.35
N SER B 312 -35.51 -46.86 -11.42
CA SER B 312 -34.45 -47.18 -10.47
C SER B 312 -35.03 -47.36 -9.07
N LYS B 313 -34.34 -48.14 -8.24
CA LYS B 313 -34.78 -48.40 -6.88
C LYS B 313 -33.87 -47.61 -5.94
N ASP B 314 -32.90 -46.92 -6.53
CA ASP B 314 -31.96 -46.12 -5.75
C ASP B 314 -32.43 -44.67 -5.70
N VAL B 315 -33.60 -44.39 -6.26
CA VAL B 315 -34.11 -43.02 -6.29
C VAL B 315 -34.06 -42.36 -4.93
N CYS B 316 -34.82 -42.87 -3.97
CA CYS B 316 -34.84 -42.28 -2.65
C CYS B 316 -33.48 -42.25 -1.94
N LYS B 317 -32.59 -43.18 -2.25
CA LYS B 317 -31.26 -43.19 -1.64
C LYS B 317 -30.41 -42.05 -2.20
N ASN B 318 -30.35 -41.97 -3.53
CA ASN B 318 -29.57 -40.93 -4.20
C ASN B 318 -30.08 -39.53 -3.84
N TYR B 319 -31.37 -39.44 -3.57
CA TYR B 319 -32.01 -38.19 -3.20
C TYR B 319 -31.60 -37.74 -1.81
N ALA B 320 -31.60 -38.68 -0.87
CA ALA B 320 -31.23 -38.43 0.52
C ALA B 320 -29.78 -38.03 0.63
N GLU B 321 -28.91 -38.79 -0.03
CA GLU B 321 -27.47 -38.54 -0.01
C GLU B 321 -27.04 -37.17 -0.56
N ALA B 322 -27.73 -36.70 -1.60
CA ALA B 322 -27.39 -35.41 -2.22
C ALA B 322 -28.59 -34.81 -2.95
N LYS B 323 -29.54 -34.29 -2.19
CA LYS B 323 -30.73 -33.72 -2.79
C LYS B 323 -30.44 -32.72 -3.91
N ASP B 324 -29.52 -31.80 -3.65
CA ASP B 324 -29.14 -30.78 -4.62
C ASP B 324 -28.55 -31.33 -5.89
N VAL B 325 -27.50 -32.12 -5.75
CA VAL B 325 -26.89 -32.69 -6.93
C VAL B 325 -27.90 -33.58 -7.64
N PHE B 326 -28.74 -34.26 -6.89
CA PHE B 326 -29.72 -35.12 -7.53
C PHE B 326 -30.71 -34.34 -8.38
N LEU B 327 -31.45 -33.43 -7.75
CA LEU B 327 -32.42 -32.62 -8.47
C LEU B 327 -31.72 -31.83 -9.57
N GLY B 328 -30.52 -31.36 -9.28
CA GLY B 328 -29.78 -30.59 -10.26
C GLY B 328 -29.55 -31.40 -11.53
N MET B 329 -29.32 -32.69 -11.35
CA MET B 329 -29.05 -33.57 -12.49
C MET B 329 -30.34 -33.95 -13.21
N PHE B 330 -31.46 -33.88 -12.51
CA PHE B 330 -32.75 -34.22 -13.11
C PHE B 330 -33.18 -33.10 -14.04
N LEU B 331 -32.94 -31.87 -13.60
CA LEU B 331 -33.30 -30.69 -14.35
C LEU B 331 -32.50 -30.65 -15.65
N TYR B 332 -31.18 -30.81 -15.52
CA TYR B 332 -30.26 -30.83 -16.65
C TYR B 332 -30.66 -31.88 -17.68
N GLU B 333 -31.00 -33.07 -17.23
CA GLU B 333 -31.40 -34.15 -18.14
C GLU B 333 -32.74 -33.90 -18.81
N TYR B 334 -33.66 -33.28 -18.08
CA TYR B 334 -34.98 -33.02 -18.65
C TYR B 334 -34.93 -31.78 -19.54
N ALA B 335 -34.15 -30.79 -19.12
CA ALA B 335 -33.95 -29.56 -19.87
C ALA B 335 -33.27 -29.84 -21.20
N ARG B 336 -32.14 -30.53 -21.13
CA ARG B 336 -31.35 -30.83 -22.31
C ARG B 336 -32.15 -31.51 -23.41
N ARG B 337 -33.13 -32.32 -23.03
CA ARG B 337 -33.95 -33.02 -24.01
C ARG B 337 -35.16 -32.22 -24.46
N HIS B 338 -35.37 -31.04 -23.87
CA HIS B 338 -36.57 -30.27 -24.22
C HIS B 338 -36.43 -28.80 -24.53
N PRO B 339 -35.85 -28.48 -25.71
CA PRO B 339 -35.65 -27.09 -26.15
C PRO B 339 -37.00 -26.47 -26.47
N ASP B 340 -38.01 -27.32 -26.57
CA ASP B 340 -39.35 -26.89 -26.90
C ASP B 340 -40.14 -26.43 -25.69
N TYR B 341 -39.55 -26.59 -24.50
CA TYR B 341 -40.18 -26.19 -23.26
C TYR B 341 -39.61 -24.85 -22.79
N SER B 342 -40.44 -24.06 -22.12
CA SER B 342 -39.98 -22.79 -21.58
C SER B 342 -39.18 -23.12 -20.33
N VAL B 343 -38.28 -22.23 -19.95
CA VAL B 343 -37.51 -22.49 -18.75
C VAL B 343 -38.41 -22.64 -17.53
N VAL B 344 -39.32 -21.70 -17.30
CA VAL B 344 -40.20 -21.81 -16.14
C VAL B 344 -40.97 -23.15 -16.08
N LEU B 345 -41.27 -23.76 -17.22
CA LEU B 345 -41.98 -25.05 -17.18
C LEU B 345 -41.06 -26.12 -16.59
N LEU B 346 -39.81 -26.14 -17.04
CA LEU B 346 -38.85 -27.11 -16.55
C LEU B 346 -38.71 -26.99 -15.04
N LEU B 347 -38.56 -25.76 -14.55
CA LEU B 347 -38.43 -25.53 -13.11
C LEU B 347 -39.71 -25.98 -12.38
N ARG B 348 -40.85 -25.86 -13.05
CA ARG B 348 -42.10 -26.28 -12.44
C ARG B 348 -42.08 -27.80 -12.33
N LEU B 349 -41.65 -28.45 -13.40
CA LEU B 349 -41.59 -29.90 -13.43
C LEU B 349 -40.62 -30.35 -12.37
N ALA B 350 -39.48 -29.67 -12.28
CA ALA B 350 -38.47 -30.02 -11.32
C ALA B 350 -39.06 -29.98 -9.92
N LYS B 351 -39.82 -28.94 -9.63
CA LYS B 351 -40.43 -28.81 -8.30
C LYS B 351 -41.46 -29.91 -8.00
N THR B 352 -42.18 -30.37 -9.02
CA THR B 352 -43.19 -31.40 -8.81
C THR B 352 -42.49 -32.72 -8.45
N TYR B 353 -41.35 -32.95 -9.09
CA TYR B 353 -40.58 -34.16 -8.88
C TYR B 353 -40.09 -34.20 -7.43
N GLU B 354 -39.47 -33.11 -7.00
CA GLU B 354 -38.98 -33.02 -5.64
C GLU B 354 -40.10 -33.23 -4.60
N THR B 355 -41.23 -32.56 -4.76
CA THR B 355 -42.32 -32.71 -3.81
C THR B 355 -42.81 -34.14 -3.76
N THR B 356 -42.78 -34.82 -4.90
CA THR B 356 -43.22 -36.19 -4.92
C THR B 356 -42.21 -37.07 -4.19
N LEU B 357 -40.91 -36.84 -4.39
CA LEU B 357 -39.92 -37.65 -3.69
C LEU B 357 -40.02 -37.40 -2.21
N GLU B 358 -40.24 -36.14 -1.85
CA GLU B 358 -40.34 -35.76 -0.43
C GLU B 358 -41.39 -36.57 0.32
N LYS B 359 -42.60 -36.66 -0.24
CA LYS B 359 -43.67 -37.40 0.42
C LYS B 359 -43.57 -38.90 0.18
N CYS B 360 -43.14 -39.29 -1.02
CA CYS B 360 -43.02 -40.70 -1.37
C CYS B 360 -41.88 -41.46 -0.69
N CYS B 361 -40.74 -40.82 -0.49
CA CYS B 361 -39.62 -41.49 0.14
C CYS B 361 -39.87 -41.72 1.62
N ALA B 362 -40.80 -40.97 2.18
CA ALA B 362 -41.13 -41.09 3.58
C ALA B 362 -42.18 -42.20 3.74
N ALA B 363 -42.76 -42.61 2.62
CA ALA B 363 -43.79 -43.65 2.61
C ALA B 363 -43.26 -45.07 2.81
N ALA B 364 -44.17 -46.03 2.74
CA ALA B 364 -43.83 -47.43 2.91
C ALA B 364 -43.03 -47.89 1.71
N ASP B 365 -43.75 -48.18 0.64
CA ASP B 365 -43.12 -48.63 -0.58
C ASP B 365 -42.98 -47.44 -1.51
N PRO B 366 -41.77 -46.85 -1.57
CA PRO B 366 -41.52 -45.70 -2.42
C PRO B 366 -41.78 -45.98 -3.90
N HIS B 367 -41.04 -46.94 -4.46
CA HIS B 367 -41.16 -47.28 -5.87
C HIS B 367 -42.59 -47.25 -6.39
N GLU B 368 -43.54 -47.66 -5.56
CA GLU B 368 -44.94 -47.68 -5.96
C GLU B 368 -45.50 -46.28 -5.92
N CYS B 369 -45.24 -45.60 -4.81
CA CYS B 369 -45.70 -44.23 -4.60
C CYS B 369 -45.27 -43.29 -5.74
N TYR B 370 -43.97 -43.12 -5.94
CA TYR B 370 -43.47 -42.22 -6.99
C TYR B 370 -43.43 -42.84 -8.38
N ALA B 371 -44.02 -44.02 -8.52
CA ALA B 371 -44.05 -44.76 -9.79
C ALA B 371 -44.67 -44.01 -10.98
N LYS B 372 -45.75 -43.26 -10.74
CA LYS B 372 -46.40 -42.55 -11.84
C LYS B 372 -46.18 -41.03 -11.82
N VAL B 373 -45.03 -40.60 -11.30
CA VAL B 373 -44.72 -39.17 -11.21
C VAL B 373 -44.86 -38.43 -12.53
N PHE B 374 -44.50 -39.09 -13.63
CA PHE B 374 -44.59 -38.46 -14.95
C PHE B 374 -46.01 -38.15 -15.38
N ASP B 375 -46.97 -38.94 -14.90
CA ASP B 375 -48.37 -38.72 -15.24
C ASP B 375 -48.78 -37.36 -14.69
N GLU B 376 -48.04 -36.88 -13.69
CA GLU B 376 -48.32 -35.58 -13.10
C GLU B 376 -47.72 -34.45 -13.94
N PHE B 377 -46.79 -34.79 -14.81
CA PHE B 377 -46.17 -33.80 -15.69
C PHE B 377 -47.12 -33.42 -16.82
N LYS B 378 -47.98 -34.37 -17.21
CA LYS B 378 -48.93 -34.15 -18.31
C LYS B 378 -49.72 -32.84 -18.20
N PRO B 379 -50.37 -32.61 -17.05
CA PRO B 379 -51.15 -31.38 -16.87
C PRO B 379 -50.29 -30.14 -17.00
N LEU B 380 -49.20 -30.10 -16.25
CA LEU B 380 -48.31 -28.94 -16.26
C LEU B 380 -47.80 -28.54 -17.64
N VAL B 381 -47.65 -29.53 -18.53
CA VAL B 381 -47.15 -29.29 -19.87
C VAL B 381 -48.23 -28.77 -20.79
N GLU B 382 -49.43 -29.37 -20.70
CA GLU B 382 -50.54 -28.97 -21.54
C GLU B 382 -51.06 -27.56 -21.24
N GLU B 383 -51.15 -27.18 -19.98
CA GLU B 383 -51.65 -25.86 -19.65
C GLU B 383 -51.00 -24.76 -20.52
N PRO B 384 -49.67 -24.60 -20.43
CA PRO B 384 -49.01 -23.57 -21.25
C PRO B 384 -49.32 -23.67 -22.74
N GLN B 385 -49.28 -24.89 -23.25
CA GLN B 385 -49.53 -25.08 -24.67
C GLN B 385 -50.89 -24.59 -25.19
N ASN B 386 -51.96 -24.94 -24.48
CA ASN B 386 -53.29 -24.54 -24.91
C ASN B 386 -53.47 -23.06 -24.62
N LEU B 387 -52.68 -22.54 -23.69
CA LEU B 387 -52.77 -21.14 -23.35
C LEU B 387 -52.15 -20.32 -24.48
N ILE B 388 -50.96 -20.76 -24.93
CA ILE B 388 -50.24 -20.09 -26.02
C ILE B 388 -51.00 -20.25 -27.34
N LYS B 389 -51.53 -21.45 -27.58
CA LYS B 389 -52.27 -21.73 -28.81
C LYS B 389 -53.50 -20.85 -28.93
N GLN B 390 -54.22 -20.66 -27.84
CA GLN B 390 -55.41 -19.83 -27.85
C GLN B 390 -55.12 -18.36 -28.06
N ASN B 391 -54.20 -17.80 -27.28
CA ASN B 391 -53.89 -16.39 -27.40
C ASN B 391 -53.19 -15.95 -28.67
N CYS B 392 -52.46 -16.84 -29.33
CA CYS B 392 -51.81 -16.49 -30.58
C CYS B 392 -52.88 -16.45 -31.67
N GLU B 393 -53.79 -17.40 -31.60
CA GLU B 393 -54.88 -17.48 -32.55
C GLU B 393 -55.62 -16.15 -32.43
N LEU B 394 -55.99 -15.81 -31.20
CA LEU B 394 -56.67 -14.55 -30.94
C LEU B 394 -55.89 -13.35 -31.49
N PHE B 395 -54.57 -13.36 -31.31
CA PHE B 395 -53.72 -12.28 -31.78
C PHE B 395 -53.74 -12.16 -33.30
N GLU B 396 -53.56 -13.29 -33.99
CA GLU B 396 -53.56 -13.32 -35.43
C GLU B 396 -54.85 -12.72 -36.01
N GLN B 397 -55.85 -12.50 -35.16
CA GLN B 397 -57.12 -11.95 -35.63
C GLN B 397 -57.33 -10.48 -35.31
N LEU B 398 -56.80 -10.02 -34.18
CA LEU B 398 -56.99 -8.63 -33.80
C LEU B 398 -55.83 -7.71 -34.16
N GLY B 399 -54.64 -8.27 -34.29
CA GLY B 399 -53.49 -7.44 -34.61
C GLY B 399 -52.89 -6.97 -33.30
N GLU B 400 -51.78 -6.25 -33.33
CA GLU B 400 -51.18 -5.83 -32.07
C GLU B 400 -51.99 -4.80 -31.28
N TYR B 401 -52.53 -3.79 -31.94
CA TYR B 401 -53.29 -2.76 -31.25
C TYR B 401 -54.51 -3.26 -30.49
N LYS B 402 -55.43 -3.89 -31.21
CA LYS B 402 -56.65 -4.42 -30.60
C LYS B 402 -56.35 -5.46 -29.52
N PHE B 403 -55.21 -6.15 -29.65
CA PHE B 403 -54.84 -7.15 -28.67
C PHE B 403 -54.38 -6.46 -27.39
N GLN B 404 -53.66 -5.35 -27.53
CA GLN B 404 -53.21 -4.60 -26.36
C GLN B 404 -54.44 -4.08 -25.61
N ASN B 405 -55.46 -3.68 -26.35
CA ASN B 405 -56.67 -3.19 -25.71
C ASN B 405 -57.35 -4.34 -24.93
N ALA B 406 -57.37 -5.54 -25.49
CA ALA B 406 -57.99 -6.67 -24.79
C ALA B 406 -57.27 -6.92 -23.48
N LEU B 407 -55.93 -6.94 -23.53
CA LEU B 407 -55.11 -7.16 -22.35
C LEU B 407 -55.29 -6.04 -21.33
N LEU B 408 -55.55 -4.84 -21.82
CA LEU B 408 -55.75 -3.70 -20.92
C LEU B 408 -57.00 -3.90 -20.08
N VAL B 409 -58.05 -4.38 -20.73
CA VAL B 409 -59.30 -4.63 -20.03
C VAL B 409 -59.13 -5.81 -19.07
N ARG B 410 -58.49 -6.87 -19.55
CA ARG B 410 -58.28 -8.04 -18.73
C ARG B 410 -57.44 -7.80 -17.48
N TYR B 411 -56.34 -7.09 -17.62
CA TYR B 411 -55.50 -6.84 -16.47
C TYR B 411 -56.04 -5.80 -15.48
N THR B 412 -56.68 -4.74 -15.97
CA THR B 412 -57.24 -3.74 -15.07
C THR B 412 -58.31 -4.44 -14.24
N LYS B 413 -59.04 -5.37 -14.84
CA LYS B 413 -60.07 -6.09 -14.09
C LYS B 413 -59.46 -6.98 -13.02
N LYS B 414 -58.31 -7.58 -13.30
CA LYS B 414 -57.67 -8.48 -12.36
C LYS B 414 -57.16 -7.72 -11.16
N VAL B 415 -56.46 -6.62 -11.44
CA VAL B 415 -55.87 -5.79 -10.39
C VAL B 415 -56.15 -4.27 -10.60
N PRO B 416 -57.42 -3.85 -10.39
CA PRO B 416 -57.91 -2.46 -10.52
C PRO B 416 -57.17 -1.41 -9.72
N GLN B 417 -56.43 -1.81 -8.69
CA GLN B 417 -55.71 -0.85 -7.87
C GLN B 417 -54.42 -0.31 -8.50
N VAL B 418 -53.77 -1.12 -9.33
CA VAL B 418 -52.53 -0.69 -9.95
C VAL B 418 -52.69 0.63 -10.70
N SER B 419 -51.69 1.52 -10.56
CA SER B 419 -51.76 2.81 -11.23
C SER B 419 -51.92 2.69 -12.75
N THR B 420 -52.74 3.57 -13.31
CA THR B 420 -53.01 3.59 -14.73
C THR B 420 -51.79 3.59 -15.65
N PRO B 421 -50.78 4.42 -15.34
CA PRO B 421 -49.59 4.45 -16.21
C PRO B 421 -48.91 3.09 -16.23
N THR B 422 -48.81 2.46 -15.05
CA THR B 422 -48.19 1.13 -14.95
C THR B 422 -48.98 0.11 -15.75
N LEU B 423 -50.30 0.11 -15.59
CA LEU B 423 -51.11 -0.84 -16.31
C LEU B 423 -50.92 -0.66 -17.79
N VAL B 424 -50.97 0.59 -18.24
CA VAL B 424 -50.86 0.92 -19.66
C VAL B 424 -49.56 0.40 -20.27
N GLU B 425 -48.42 0.70 -19.64
CA GLU B 425 -47.15 0.21 -20.16
C GLU B 425 -47.06 -1.34 -20.21
N VAL B 426 -47.28 -1.97 -19.05
CA VAL B 426 -47.23 -3.42 -18.90
C VAL B 426 -48.10 -4.12 -19.92
N SER B 427 -49.33 -3.66 -20.09
CA SER B 427 -50.20 -4.29 -21.07
C SER B 427 -49.67 -4.10 -22.49
N ARG B 428 -49.12 -2.94 -22.81
CA ARG B 428 -48.59 -2.73 -24.15
C ARG B 428 -47.44 -3.69 -24.38
N ASN B 429 -46.57 -3.83 -23.38
CA ASN B 429 -45.46 -4.79 -23.50
C ASN B 429 -45.98 -6.21 -23.58
N LEU B 430 -47.07 -6.52 -22.87
CA LEU B 430 -47.62 -7.87 -22.90
C LEU B 430 -48.13 -8.11 -24.29
N GLY B 431 -48.60 -7.02 -24.91
CA GLY B 431 -49.14 -7.11 -26.26
C GLY B 431 -48.09 -7.51 -27.28
N LYS B 432 -46.87 -7.08 -27.06
CA LYS B 432 -45.80 -7.40 -27.98
C LYS B 432 -45.35 -8.85 -28.01
N VAL B 433 -45.76 -9.66 -27.03
CA VAL B 433 -45.37 -11.06 -27.04
C VAL B 433 -46.04 -11.66 -28.25
N GLY B 434 -47.25 -11.20 -28.52
CA GLY B 434 -47.97 -11.70 -29.67
C GLY B 434 -47.15 -11.53 -30.94
N SER B 435 -46.72 -10.28 -31.19
CA SER B 435 -45.95 -9.98 -32.40
C SER B 435 -44.56 -10.60 -32.40
N LYS B 436 -43.93 -10.67 -31.25
CA LYS B 436 -42.60 -11.26 -31.21
C LYS B 436 -42.59 -12.80 -31.21
N CYS B 437 -43.65 -13.42 -30.71
CA CYS B 437 -43.67 -14.89 -30.62
C CYS B 437 -44.60 -15.69 -31.51
N CYS B 438 -45.85 -15.29 -31.62
CA CYS B 438 -46.76 -16.09 -32.42
C CYS B 438 -46.26 -16.50 -33.81
N LYS B 439 -45.39 -15.69 -34.41
CA LYS B 439 -44.85 -15.98 -35.74
C LYS B 439 -44.17 -17.34 -35.77
N HIS B 440 -43.45 -17.66 -34.71
CA HIS B 440 -42.75 -18.93 -34.61
C HIS B 440 -43.69 -20.12 -34.75
N PRO B 441 -43.16 -21.28 -35.19
CA PRO B 441 -44.01 -22.46 -35.34
C PRO B 441 -44.16 -23.15 -33.98
N GLU B 442 -45.28 -23.83 -33.80
CA GLU B 442 -45.58 -24.55 -32.56
C GLU B 442 -44.38 -24.95 -31.71
N ALA B 443 -43.32 -25.42 -32.36
CA ALA B 443 -42.10 -25.88 -31.69
C ALA B 443 -41.32 -24.86 -30.88
N LYS B 444 -41.35 -23.58 -31.27
CA LYS B 444 -40.59 -22.56 -30.53
C LYS B 444 -41.42 -21.55 -29.74
N ARG B 445 -42.74 -21.64 -29.86
CA ARG B 445 -43.62 -20.69 -29.17
C ARG B 445 -43.49 -20.61 -27.67
N MET B 446 -43.46 -21.77 -27.01
CA MET B 446 -43.38 -21.84 -25.56
C MET B 446 -42.18 -21.14 -24.91
N PRO B 447 -40.98 -21.40 -25.42
CA PRO B 447 -39.83 -20.73 -24.81
C PRO B 447 -39.97 -19.24 -25.02
N CYS B 448 -40.28 -18.85 -26.26
CA CYS B 448 -40.44 -17.45 -26.61
C CYS B 448 -41.45 -16.76 -25.72
N ALA B 449 -42.67 -17.28 -25.74
CA ALA B 449 -43.79 -16.72 -24.99
C ALA B 449 -43.69 -16.66 -23.47
N GLU B 450 -43.62 -17.82 -22.82
CA GLU B 450 -43.57 -17.86 -21.37
C GLU B 450 -42.40 -17.13 -20.77
N ASP B 451 -41.25 -17.26 -21.39
CA ASP B 451 -40.09 -16.59 -20.86
C ASP B 451 -40.18 -15.08 -21.04
N TYR B 452 -40.85 -14.65 -22.10
CA TYR B 452 -41.00 -13.23 -22.31
C TYR B 452 -42.08 -12.69 -21.35
N LEU B 453 -43.09 -13.51 -21.03
CA LEU B 453 -44.11 -13.13 -20.05
C LEU B 453 -43.45 -12.95 -18.66
N SER B 454 -42.46 -13.79 -18.36
CA SER B 454 -41.72 -13.65 -17.10
C SER B 454 -41.08 -12.27 -16.97
N VAL B 455 -40.54 -11.79 -18.09
CA VAL B 455 -39.87 -10.50 -18.10
C VAL B 455 -40.86 -9.35 -17.95
N VAL B 456 -41.93 -9.37 -18.70
CA VAL B 456 -42.90 -8.31 -18.58
C VAL B 456 -43.58 -8.32 -17.22
N LEU B 457 -43.91 -9.51 -16.71
CA LEU B 457 -44.56 -9.57 -15.39
C LEU B 457 -43.61 -9.12 -14.29
N ASN B 458 -42.32 -9.39 -14.47
CA ASN B 458 -41.37 -8.95 -13.45
C ASN B 458 -41.41 -7.43 -13.39
N GLN B 459 -41.63 -6.81 -14.56
CA GLN B 459 -41.65 -5.36 -14.62
C GLN B 459 -42.82 -4.84 -13.77
N LEU B 460 -43.99 -5.46 -13.92
CA LEU B 460 -45.15 -5.08 -13.13
C LEU B 460 -44.82 -5.27 -11.66
N CYS B 461 -44.12 -6.35 -11.31
CA CYS B 461 -43.78 -6.55 -9.92
C CYS B 461 -42.84 -5.49 -9.34
N VAL B 462 -41.73 -5.20 -10.01
CA VAL B 462 -40.83 -4.19 -9.44
C VAL B 462 -41.49 -2.80 -9.44
N LEU B 463 -42.20 -2.43 -10.48
CA LEU B 463 -42.86 -1.13 -10.46
C LEU B 463 -43.84 -1.10 -9.28
N HIS B 464 -44.50 -2.24 -9.04
CA HIS B 464 -45.49 -2.36 -7.96
C HIS B 464 -44.89 -2.36 -6.56
N GLU B 465 -43.73 -2.99 -6.40
CA GLU B 465 -43.05 -3.08 -5.11
C GLU B 465 -42.74 -1.69 -4.52
N LYS B 466 -42.59 -0.69 -5.39
CA LYS B 466 -42.30 0.67 -4.93
C LYS B 466 -43.40 1.16 -4.00
N THR B 467 -44.62 1.18 -4.53
CA THR B 467 -45.78 1.63 -3.78
C THR B 467 -46.87 0.55 -3.84
N PRO B 468 -46.77 -0.45 -2.97
CA PRO B 468 -47.72 -1.56 -2.91
C PRO B 468 -49.13 -0.99 -2.81
N VAL B 469 -50.06 -1.54 -3.58
CA VAL B 469 -51.42 -1.04 -3.51
C VAL B 469 -52.42 -2.17 -3.78
N SER B 470 -51.89 -3.35 -4.12
CA SER B 470 -52.72 -4.52 -4.41
C SER B 470 -52.17 -5.78 -3.77
N ASP B 471 -52.94 -6.35 -2.84
CA ASP B 471 -52.54 -7.57 -2.13
C ASP B 471 -52.40 -8.70 -3.12
N ARG B 472 -53.24 -8.66 -4.16
CA ARG B 472 -53.22 -9.67 -5.17
C ARG B 472 -51.93 -9.61 -6.01
N VAL B 473 -51.44 -8.41 -6.29
CA VAL B 473 -50.21 -8.31 -7.05
C VAL B 473 -49.07 -8.85 -6.19
N THR B 474 -49.06 -8.42 -4.93
CA THR B 474 -48.02 -8.83 -4.00
C THR B 474 -47.92 -10.34 -3.84
N LYS B 475 -49.06 -11.00 -3.69
CA LYS B 475 -49.10 -12.46 -3.54
C LYS B 475 -48.55 -13.20 -4.77
N CYS B 476 -49.00 -12.80 -5.95
CA CYS B 476 -48.53 -13.44 -7.16
C CYS B 476 -47.04 -13.16 -7.40
N CYS B 477 -46.57 -11.98 -7.02
CA CYS B 477 -45.18 -11.59 -7.21
C CYS B 477 -44.20 -12.22 -6.23
N THR B 478 -44.56 -12.33 -4.96
CA THR B 478 -43.67 -12.89 -3.94
C THR B 478 -43.82 -14.36 -3.58
N GLU B 479 -44.94 -14.98 -3.92
CA GLU B 479 -45.15 -16.38 -3.56
C GLU B 479 -44.25 -17.38 -4.28
N SER B 480 -44.06 -17.18 -5.57
CA SER B 480 -43.24 -18.09 -6.37
C SER B 480 -42.78 -17.41 -7.65
N LEU B 481 -41.49 -17.46 -7.92
CA LEU B 481 -40.96 -16.82 -9.11
C LEU B 481 -41.47 -17.51 -10.37
N VAL B 482 -41.38 -18.83 -10.34
CA VAL B 482 -41.77 -19.69 -11.44
C VAL B 482 -43.26 -19.77 -11.76
N ASN B 483 -44.11 -19.47 -10.77
CA ASN B 483 -45.55 -19.55 -11.00
C ASN B 483 -46.21 -18.19 -11.15
N ARG B 484 -45.40 -17.14 -11.24
CA ARG B 484 -45.96 -15.82 -11.42
C ARG B 484 -46.98 -15.77 -12.56
N ARG B 485 -46.62 -16.33 -13.70
CA ARG B 485 -47.51 -16.28 -14.85
C ARG B 485 -48.81 -17.03 -14.61
N PRO B 486 -48.73 -18.22 -14.02
CA PRO B 486 -49.99 -18.95 -13.80
C PRO B 486 -50.84 -18.27 -12.72
N CYS B 487 -50.15 -17.65 -11.77
CA CYS B 487 -50.85 -16.96 -10.72
C CYS B 487 -51.69 -15.83 -11.33
N PHE B 488 -51.04 -14.91 -12.07
CA PHE B 488 -51.76 -13.82 -12.71
C PHE B 488 -52.84 -14.31 -13.66
N SER B 489 -52.55 -15.35 -14.43
CA SER B 489 -53.52 -15.90 -15.35
C SER B 489 -54.79 -16.40 -14.66
N ALA B 490 -54.65 -16.90 -13.42
CA ALA B 490 -55.80 -17.42 -12.70
C ALA B 490 -56.68 -16.35 -12.06
N LEU B 491 -56.27 -15.11 -12.16
CA LEU B 491 -57.06 -14.04 -11.60
C LEU B 491 -58.10 -13.63 -12.66
N GLU B 492 -59.32 -13.38 -12.21
CA GLU B 492 -60.38 -12.98 -13.11
C GLU B 492 -60.76 -11.54 -12.82
N VAL B 493 -61.46 -11.36 -11.71
CA VAL B 493 -61.91 -10.03 -11.32
C VAL B 493 -61.80 -9.86 -9.82
N ASP B 494 -61.26 -8.73 -9.43
CA ASP B 494 -61.16 -8.45 -8.01
C ASP B 494 -62.59 -8.11 -7.58
N GLU B 495 -63.19 -9.00 -6.79
CA GLU B 495 -64.57 -8.78 -6.37
C GLU B 495 -64.74 -7.80 -5.24
N THR B 496 -63.68 -7.52 -4.50
CA THR B 496 -63.76 -6.62 -3.37
C THR B 496 -63.40 -5.17 -3.73
N TYR B 497 -63.16 -4.94 -5.02
CA TYR B 497 -62.80 -3.60 -5.49
C TYR B 497 -64.04 -2.72 -5.62
N VAL B 498 -64.01 -1.55 -5.00
CA VAL B 498 -65.12 -0.62 -5.11
C VAL B 498 -64.75 0.41 -6.17
N PRO B 499 -65.57 0.55 -7.21
CA PRO B 499 -65.35 1.50 -8.30
C PRO B 499 -65.19 2.93 -7.79
N LYS B 500 -64.45 3.75 -8.54
CA LYS B 500 -64.21 5.13 -8.16
C LYS B 500 -65.15 6.05 -8.89
N GLU B 501 -65.47 7.18 -8.26
CA GLU B 501 -66.37 8.17 -8.88
C GLU B 501 -65.60 8.94 -9.96
N PHE B 502 -66.31 9.33 -11.01
CA PHE B 502 -65.72 10.08 -12.14
C PHE B 502 -65.06 11.43 -11.78
N ASN B 503 -64.02 11.78 -12.53
CA ASN B 503 -63.29 13.02 -12.34
C ASN B 503 -63.14 13.72 -13.67
N ALA B 504 -63.85 14.84 -13.82
CA ALA B 504 -63.86 15.65 -15.03
C ALA B 504 -62.52 15.64 -15.76
N GLU B 505 -61.50 16.16 -15.09
CA GLU B 505 -60.15 16.26 -15.63
C GLU B 505 -59.68 15.01 -16.38
N THR B 506 -60.08 13.84 -15.92
CA THR B 506 -59.65 12.58 -16.54
C THR B 506 -60.34 12.21 -17.85
N PHE B 507 -61.48 12.82 -18.15
CA PHE B 507 -62.18 12.51 -19.39
C PHE B 507 -62.15 13.68 -20.36
N THR B 508 -61.40 14.72 -20.01
CA THR B 508 -61.30 15.91 -20.86
C THR B 508 -60.18 15.77 -21.89
N PHE B 509 -60.56 15.68 -23.16
CA PHE B 509 -59.60 15.56 -24.25
C PHE B 509 -59.44 16.95 -24.88
N HIS B 510 -58.20 17.38 -25.09
CA HIS B 510 -57.94 18.70 -25.67
C HIS B 510 -57.38 18.63 -27.08
N ALA B 511 -57.04 19.80 -27.63
CA ALA B 511 -56.49 19.89 -28.97
C ALA B 511 -55.04 19.39 -28.98
N ASP B 512 -54.46 19.27 -27.80
CA ASP B 512 -53.08 18.80 -27.68
C ASP B 512 -52.93 17.38 -28.28
N ILE B 513 -54.07 16.70 -28.41
CA ILE B 513 -54.09 15.34 -28.96
C ILE B 513 -54.07 15.34 -30.48
N CYS B 514 -53.69 16.47 -31.06
CA CYS B 514 -53.63 16.58 -32.52
C CYS B 514 -52.20 16.86 -32.99
N THR B 515 -51.31 17.16 -32.04
CA THR B 515 -49.92 17.45 -32.36
C THR B 515 -49.01 16.27 -32.02
N LEU B 516 -49.59 15.23 -31.43
CA LEU B 516 -48.83 14.04 -31.04
C LEU B 516 -48.92 12.90 -32.06
N SER B 517 -47.82 12.15 -32.16
CA SER B 517 -47.70 11.02 -33.07
C SER B 517 -48.87 10.05 -32.98
N GLU B 518 -49.11 9.33 -34.07
CA GLU B 518 -50.21 8.36 -34.13
C GLU B 518 -50.07 7.40 -32.96
N LYS B 519 -48.84 7.16 -32.53
CA LYS B 519 -48.57 6.27 -31.42
C LYS B 519 -48.92 6.93 -30.08
N GLU B 520 -48.36 8.11 -29.84
CA GLU B 520 -48.60 8.84 -28.59
C GLU B 520 -50.08 9.09 -28.40
N ARG B 521 -50.82 8.99 -29.50
CA ARG B 521 -52.25 9.20 -29.49
C ARG B 521 -52.99 7.98 -28.95
N GLN B 522 -52.66 6.80 -29.46
CA GLN B 522 -53.29 5.57 -29.00
C GLN B 522 -53.05 5.41 -27.50
N ILE B 523 -51.84 5.77 -27.07
CA ILE B 523 -51.48 5.69 -25.67
C ILE B 523 -52.44 6.54 -24.83
N LYS B 524 -53.07 7.53 -25.46
CA LYS B 524 -54.00 8.39 -24.76
C LYS B 524 -55.35 7.72 -24.77
N LYS B 525 -55.72 7.13 -25.90
CA LYS B 525 -56.99 6.45 -25.98
C LYS B 525 -56.95 5.20 -25.09
N GLN B 526 -55.76 4.64 -24.89
CA GLN B 526 -55.62 3.45 -24.07
C GLN B 526 -55.68 3.82 -22.60
N THR B 527 -55.12 4.97 -22.27
CA THR B 527 -55.11 5.45 -20.90
C THR B 527 -56.53 5.72 -20.43
N ALA B 528 -57.38 6.08 -21.38
CA ALA B 528 -58.76 6.37 -21.05
C ALA B 528 -59.48 5.07 -20.77
N LEU B 529 -59.27 4.11 -21.66
CA LEU B 529 -59.87 2.79 -21.52
C LEU B 529 -59.67 2.21 -20.12
N VAL B 530 -58.45 2.36 -19.60
CA VAL B 530 -58.12 1.87 -18.26
C VAL B 530 -58.96 2.54 -17.19
N GLU B 531 -59.05 3.86 -17.28
CA GLU B 531 -59.82 4.67 -16.35
C GLU B 531 -61.28 4.26 -16.42
N LEU B 532 -61.72 4.01 -17.65
CA LEU B 532 -63.09 3.60 -17.88
C LEU B 532 -63.39 2.26 -17.21
N VAL B 533 -62.39 1.35 -17.17
CA VAL B 533 -62.63 0.06 -16.55
C VAL B 533 -62.50 0.20 -15.04
N LYS B 534 -61.68 1.13 -14.59
CA LYS B 534 -61.54 1.36 -13.16
C LYS B 534 -62.86 1.91 -12.62
N HIS B 535 -63.65 2.55 -13.48
CA HIS B 535 -64.92 3.12 -13.07
C HIS B 535 -66.02 2.08 -13.09
N LYS B 536 -66.23 1.45 -14.23
CA LYS B 536 -67.26 0.43 -14.31
C LYS B 536 -66.64 -0.94 -14.63
N PRO B 537 -66.05 -1.59 -13.63
CA PRO B 537 -65.42 -2.89 -13.78
C PRO B 537 -66.36 -3.96 -14.34
N LYS B 538 -67.45 -4.20 -13.62
CA LYS B 538 -68.44 -5.20 -14.00
C LYS B 538 -68.92 -5.12 -15.46
N ALA B 539 -68.68 -3.97 -16.10
CA ALA B 539 -69.08 -3.75 -17.49
C ALA B 539 -68.51 -4.85 -18.37
N THR B 540 -69.24 -5.20 -19.43
CA THR B 540 -68.78 -6.25 -20.34
C THR B 540 -67.86 -5.77 -21.44
N LYS B 541 -67.07 -6.71 -21.96
CA LYS B 541 -66.12 -6.44 -23.02
C LYS B 541 -66.76 -5.83 -24.26
N GLU B 542 -67.94 -6.32 -24.63
CA GLU B 542 -68.63 -5.82 -25.80
C GLU B 542 -68.96 -4.33 -25.64
N GLN B 543 -69.81 -4.00 -24.68
CA GLN B 543 -70.19 -2.61 -24.44
C GLN B 543 -68.99 -1.71 -24.19
N LEU B 544 -67.88 -2.30 -23.77
CA LEU B 544 -66.69 -1.53 -23.52
C LEU B 544 -66.21 -0.98 -24.86
N LYS B 545 -66.20 -1.86 -25.87
CA LYS B 545 -65.80 -1.46 -27.21
C LYS B 545 -66.86 -0.54 -27.78
N ALA B 546 -68.09 -0.71 -27.30
CA ALA B 546 -69.22 0.10 -27.75
C ALA B 546 -68.91 1.57 -27.56
N VAL B 547 -68.25 1.91 -26.45
CA VAL B 547 -67.91 3.30 -26.18
C VAL B 547 -66.51 3.60 -26.69
N MET B 548 -65.69 2.55 -26.80
CA MET B 548 -64.33 2.73 -27.28
C MET B 548 -64.35 3.14 -28.74
N ASP B 549 -65.09 2.39 -29.54
CA ASP B 549 -65.20 2.67 -30.96
C ASP B 549 -65.77 4.08 -31.09
N ASP B 550 -66.65 4.45 -30.17
CA ASP B 550 -67.26 5.77 -30.15
C ASP B 550 -66.23 6.81 -29.72
N PHE B 551 -65.14 6.33 -29.11
CA PHE B 551 -64.07 7.21 -28.67
C PHE B 551 -63.24 7.59 -29.88
N ALA B 552 -63.21 6.72 -30.87
CA ALA B 552 -62.46 6.96 -32.09
C ALA B 552 -63.09 8.13 -32.84
N ALA B 553 -64.42 8.12 -32.95
CA ALA B 553 -65.11 9.19 -33.63
C ALA B 553 -64.96 10.48 -32.84
N PHE B 554 -64.88 10.35 -31.51
CA PHE B 554 -64.74 11.52 -30.65
C PHE B 554 -63.45 12.30 -30.90
N VAL B 555 -62.42 11.62 -31.42
CA VAL B 555 -61.14 12.28 -31.67
C VAL B 555 -61.06 12.75 -33.12
N GLU B 556 -61.91 12.18 -33.96
CA GLU B 556 -61.95 12.53 -35.37
C GLU B 556 -62.89 13.71 -35.58
N LYS B 557 -62.82 14.71 -34.70
CA LYS B 557 -63.67 15.89 -34.82
C LYS B 557 -62.96 17.21 -34.53
N CYS B 558 -62.52 17.43 -33.29
CA CYS B 558 -61.85 18.68 -32.93
C CYS B 558 -60.59 18.99 -33.70
N CYS B 559 -59.75 17.98 -33.88
CA CYS B 559 -58.50 18.15 -34.61
C CYS B 559 -58.72 18.81 -35.98
N LYS B 560 -59.98 18.92 -36.38
CA LYS B 560 -60.35 19.52 -37.65
C LYS B 560 -61.63 20.35 -37.53
N ALA B 561 -61.56 21.44 -36.76
CA ALA B 561 -62.72 22.30 -36.57
C ALA B 561 -62.41 23.77 -36.87
N ASP B 562 -61.12 24.08 -37.02
CA ASP B 562 -60.69 25.45 -37.30
C ASP B 562 -61.22 26.40 -36.24
N ASP B 563 -61.29 25.92 -35.00
CA ASP B 563 -61.79 26.72 -33.88
C ASP B 563 -60.65 27.21 -32.99
N LYS B 564 -60.82 28.40 -32.43
CA LYS B 564 -59.81 28.98 -31.54
C LYS B 564 -59.39 27.94 -30.50
N GLU B 565 -60.39 27.22 -29.98
CA GLU B 565 -60.18 26.18 -28.98
C GLU B 565 -61.54 25.64 -28.56
N THR B 566 -62.57 26.45 -28.77
CA THR B 566 -63.96 26.12 -28.46
C THR B 566 -64.19 24.61 -28.52
N CYS B 567 -64.03 24.07 -29.71
CA CYS B 567 -64.21 22.65 -29.96
C CYS B 567 -63.90 21.78 -28.76
N PHE B 568 -62.66 21.89 -28.30
CA PHE B 568 -62.15 21.13 -27.16
C PHE B 568 -63.16 20.93 -26.03
N ALA B 569 -63.84 22.00 -25.65
CA ALA B 569 -64.82 21.93 -24.58
C ALA B 569 -66.22 21.58 -25.10
N GLU B 570 -66.48 21.93 -26.35
CA GLU B 570 -67.79 21.67 -26.96
C GLU B 570 -67.96 20.19 -27.30
N GLU B 571 -67.06 19.67 -28.11
CA GLU B 571 -67.09 18.26 -28.51
C GLU B 571 -67.16 17.37 -27.30
N GLY B 572 -66.35 17.74 -26.30
CA GLY B 572 -66.30 16.97 -25.07
C GLY B 572 -67.65 16.83 -24.42
N LYS B 573 -68.56 17.76 -24.74
CA LYS B 573 -69.91 17.73 -24.17
C LYS B 573 -70.69 16.53 -24.69
N LYS B 574 -70.57 16.27 -25.98
CA LYS B 574 -71.26 15.14 -26.60
C LYS B 574 -70.62 13.84 -26.10
N LEU B 575 -69.32 13.90 -25.84
CA LEU B 575 -68.58 12.74 -25.36
C LEU B 575 -69.00 12.34 -23.95
N VAL B 576 -68.78 13.25 -23.00
CA VAL B 576 -69.14 13.01 -21.60
C VAL B 576 -70.60 12.56 -21.47
N ALA B 577 -71.48 13.23 -22.21
CA ALA B 577 -72.90 12.91 -22.18
C ALA B 577 -73.10 11.43 -22.52
N ALA B 578 -72.48 10.99 -23.61
CA ALA B 578 -72.57 9.59 -24.04
C ALA B 578 -71.79 8.73 -23.06
N SER B 579 -70.75 9.33 -22.47
CA SER B 579 -69.90 8.65 -21.50
C SER B 579 -70.67 8.35 -20.22
N GLN B 580 -71.44 9.31 -19.74
CA GLN B 580 -72.22 9.14 -18.52
C GLN B 580 -73.37 8.16 -18.75
N ALA B 581 -73.71 7.95 -20.01
CA ALA B 581 -74.80 7.04 -20.38
C ALA B 581 -74.39 5.58 -20.21
N ALA B 582 -73.38 5.16 -20.95
CA ALA B 582 -72.90 3.79 -20.90
C ALA B 582 -72.59 3.37 -19.47
N 9NV C . 48.35 15.54 7.43
CA 9NV C . 49.43 14.95 6.65
C 9NV C . 50.80 15.60 6.84
CB 9NV C . 49.09 15.06 5.17
CG 9NV C . 49.09 13.80 4.34
CD 9NV C . 48.74 14.14 2.90
S8 9NV C . 47.33 14.65 8.31
O9 9NV C . 47.91 13.36 8.60
O10 9NV C . 47.06 15.52 9.43
C11 9NV C . 45.85 14.48 7.36
C12 9NV C . 45.39 13.18 7.10
C13 9NV C . 44.19 12.95 6.34
C14 9NV C . 43.47 14.04 5.84
C15 9NV C . 43.88 15.41 6.08
C16 9NV C . 45.14 15.68 6.85
C17 9NV C . 45.52 17.05 7.08
C18 9NV C . 44.78 18.15 6.58
C19 9NV C . 43.56 17.92 5.81
C20 9NV C . 43.08 16.55 5.52
N21 9NV C . 41.88 16.22 4.75
C23 9NV C . 40.67 16.82 5.33
C22 9NV C . 41.96 16.66 3.34
N 9NV D . -52.65 -14.58 -20.05
CA 9NV D . -53.91 -13.87 -19.98
C 9NV D . -54.97 -14.47 -19.06
CB 9NV D . -54.51 -13.80 -21.39
CG 9NV D . -55.19 -12.49 -21.78
CD 9NV D . -55.68 -12.56 -23.20
S8 9NV D . -51.26 -13.79 -19.89
O9 9NV D . -51.50 -12.57 -19.17
O10 9NV D . -50.37 -14.76 -19.30
C11 9NV D . -50.70 -13.44 -21.50
C12 9NV D . -50.45 -12.10 -21.81
C13 9NV D . -50.00 -11.70 -23.10
C14 9NV D . -49.76 -12.68 -24.07
C15 9NV D . -50.00 -14.11 -23.81
C16 9NV D . -50.47 -14.54 -22.46
C17 9NV D . -50.69 -15.94 -22.20
C18 9NV D . -50.45 -16.93 -23.18
C19 9NV D . -49.99 -16.55 -24.50
C20 9NV D . -49.74 -15.13 -24.86
N21 9NV D . -49.27 -14.66 -26.16
C23 9NV D . -47.96 -15.20 -26.51
C22 9NV D . -50.17 -15.00 -27.29
#